data_5T87
#
_entry.id   5T87
#
_cell.length_a   107.097
_cell.length_b   107.097
_cell.length_c   315.271
_cell.angle_alpha   90.00
_cell.angle_beta   90.00
_cell.angle_gamma   120.00
#
_symmetry.space_group_name_H-M   'P 61 2 2'
#
loop_
_entity.id
_entity.type
_entity.pdbx_description
1 polymer 'CdiI immunity protein'
2 polymer 'CdiA toxin'
3 water water
#
loop_
_entity_poly.entity_id
_entity_poly.type
_entity_poly.pdbx_seq_one_letter_code
_entity_poly.pdbx_strand_id
1 'polypeptide(L)'
;(MSE)T(MSE)RYQEPARIPNAEIDHVLASGNPEAIADACLSIAYYEDDWEWAFKRLKSVAFDLNRPDSLRSLAVTCVGH
LARRIHDLDVA(MSE)AEEFLLSLGGDQAVASAASDALDDLRIFR(MSE)SD
;
A,B,C,D
2 'polypeptide(L)' SRGPSNGQSVLENSVQVKETSPRRVSVDPQTGEFVVFDRTLGDVYHGHVRAWKDLTSD(MSE)QNALVRGGYVDRKGNPK E,F,G,H
#
# COMPACT_ATOMS: atom_id res chain seq x y z
N THR A 2 -3.09 -22.15 8.68
CA THR A 2 -1.95 -23.10 8.46
C THR A 2 -1.45 -23.00 7.02
N ARG A 4 -0.08 -24.09 3.43
CA ARG A 4 -0.61 -25.10 2.54
C ARG A 4 0.41 -25.41 1.46
N TYR A 5 0.75 -26.68 1.30
CA TYR A 5 1.62 -27.13 0.24
C TYR A 5 0.81 -27.25 -1.05
N GLN A 6 1.31 -26.65 -2.13
CA GLN A 6 0.77 -26.90 -3.47
C GLN A 6 1.93 -27.13 -4.42
N GLU A 7 1.96 -28.34 -4.96
CA GLU A 7 2.85 -28.72 -6.02
C GLU A 7 2.29 -28.16 -7.31
N PRO A 8 3.10 -27.42 -8.08
CA PRO A 8 2.65 -26.79 -9.32
C PRO A 8 2.04 -27.73 -10.36
N ALA A 9 0.88 -27.36 -10.88
CA ALA A 9 0.26 -28.04 -12.02
C ALA A 9 1.02 -27.72 -13.30
N ARG A 10 1.02 -28.66 -14.24
N ARG A 10 0.98 -28.65 -14.24
CA ARG A 10 1.60 -28.45 -15.57
CA ARG A 10 1.57 -28.47 -15.56
C ARG A 10 0.57 -27.79 -16.49
C ARG A 10 0.57 -27.79 -16.49
N ILE A 11 0.82 -26.52 -16.84
CA ILE A 11 0.03 -25.80 -17.85
C ILE A 11 0.69 -25.97 -19.21
N PRO A 12 -0.09 -26.40 -20.24
CA PRO A 12 0.52 -26.59 -21.54
C PRO A 12 1.16 -25.31 -22.05
N ASN A 13 2.30 -25.46 -22.73
CA ASN A 13 3.07 -24.35 -23.27
C ASN A 13 2.17 -23.38 -24.07
N ALA A 14 1.35 -23.93 -24.95
CA ALA A 14 0.48 -23.15 -25.84
C ALA A 14 -0.50 -22.19 -25.14
N GLU A 15 -0.83 -22.45 -23.89
CA GLU A 15 -1.83 -21.64 -23.17
C GLU A 15 -1.20 -20.53 -22.32
N ILE A 16 0.12 -20.57 -22.18
CA ILE A 16 0.83 -19.74 -21.18
C ILE A 16 0.67 -18.24 -21.43
N ASP A 17 0.95 -17.80 -22.65
CA ASP A 17 0.92 -16.38 -22.97
C ASP A 17 -0.45 -15.74 -22.81
N HIS A 18 -1.50 -16.50 -23.09
CA HIS A 18 -2.86 -16.04 -22.84
C HIS A 18 -3.10 -15.87 -21.34
N VAL A 19 -2.66 -16.82 -20.54
CA VAL A 19 -2.81 -16.75 -19.09
C VAL A 19 -2.09 -15.55 -18.52
N LEU A 20 -0.92 -15.24 -19.07
CA LEU A 20 -0.12 -14.12 -18.57
C LEU A 20 -0.67 -12.75 -18.97
N ALA A 21 -1.43 -12.70 -20.08
CA ALA A 21 -2.06 -11.47 -20.54
C ALA A 21 -3.32 -11.16 -19.72
N SER A 22 -4.22 -12.15 -19.66
CA SER A 22 -5.57 -11.96 -19.15
C SER A 22 -5.78 -12.41 -17.70
N GLY A 23 -4.99 -13.39 -17.23
CA GLY A 23 -5.23 -14.09 -15.97
C GLY A 23 -5.25 -13.27 -14.67
N ASN A 24 -6.02 -13.76 -13.70
CA ASN A 24 -5.97 -13.28 -12.32
C ASN A 24 -4.66 -13.78 -11.66
N PRO A 25 -4.34 -13.24 -10.47
CA PRO A 25 -3.06 -13.59 -9.83
C PRO A 25 -2.75 -15.06 -9.63
N GLU A 26 -3.72 -15.88 -9.27
CA GLU A 26 -3.46 -17.33 -9.04
C GLU A 26 -3.16 -18.03 -10.36
N ALA A 27 -3.82 -17.59 -11.44
CA ALA A 27 -3.53 -18.13 -12.77
C ALA A 27 -2.11 -17.76 -13.14
N ILE A 28 -1.73 -16.51 -12.87
CA ILE A 28 -0.41 -16.04 -13.29
C ILE A 28 0.70 -16.75 -12.51
N ALA A 29 0.49 -16.94 -11.22
CA ALA A 29 1.43 -17.66 -10.39
C ALA A 29 1.59 -19.08 -10.89
N ASP A 30 0.47 -19.70 -11.27
CA ASP A 30 0.51 -21.06 -11.76
C ASP A 30 1.33 -21.14 -13.03
N ALA A 31 1.16 -20.17 -13.93
CA ALA A 31 1.94 -20.10 -15.17
C ALA A 31 3.44 -19.94 -14.90
N CYS A 32 3.79 -18.97 -14.06
CA CYS A 32 5.17 -18.80 -13.64
C CYS A 32 5.75 -20.07 -13.08
N LEU A 33 5.00 -20.76 -12.24
CA LEU A 33 5.52 -22.00 -11.66
C LEU A 33 5.56 -23.17 -12.65
N SER A 34 4.60 -23.24 -13.56
CA SER A 34 4.63 -24.27 -14.59
C SER A 34 5.91 -24.12 -15.45
N ILE A 35 6.21 -22.87 -15.78
CA ILE A 35 7.47 -22.53 -16.43
C ILE A 35 8.65 -22.95 -15.56
N ALA A 36 8.64 -22.55 -14.30
CA ALA A 36 9.78 -22.81 -13.43
C ALA A 36 10.08 -24.29 -13.32
N TYR A 37 9.05 -25.12 -13.17
CA TYR A 37 9.20 -26.55 -12.86
C TYR A 37 9.28 -27.47 -14.08
N TYR A 38 8.62 -27.09 -15.17
CA TYR A 38 8.43 -28.01 -16.32
C TYR A 38 8.97 -27.59 -17.70
N GLU A 39 9.22 -26.30 -17.98
CA GLU A 39 9.74 -25.90 -19.31
C GLU A 39 11.27 -26.00 -19.36
N ASP A 40 11.79 -26.48 -20.48
CA ASP A 40 13.23 -26.72 -20.63
C ASP A 40 13.96 -25.73 -21.50
N ASP A 41 13.24 -24.86 -22.18
CA ASP A 41 13.80 -23.90 -23.12
C ASP A 41 14.09 -22.60 -22.35
N TRP A 42 15.31 -22.51 -21.81
CA TRP A 42 15.80 -21.34 -21.09
C TRP A 42 15.37 -20.02 -21.71
N GLU A 43 15.68 -19.80 -22.98
CA GLU A 43 15.41 -18.52 -23.61
C GLU A 43 13.92 -18.21 -23.63
N TRP A 44 13.12 -19.17 -24.09
CA TRP A 44 11.67 -19.01 -24.12
C TRP A 44 11.09 -18.70 -22.72
N ALA A 45 11.54 -19.45 -21.73
CA ALA A 45 11.07 -19.30 -20.36
C ALA A 45 11.57 -18.03 -19.66
N PHE A 46 12.86 -17.71 -19.83
CA PHE A 46 13.52 -16.57 -19.14
C PHE A 46 12.87 -15.28 -19.60
N LYS A 47 12.66 -15.16 -20.91
CA LYS A 47 11.91 -14.05 -21.53
C LYS A 47 10.58 -13.77 -20.84
N ARG A 48 9.82 -14.82 -20.58
CA ARG A 48 8.48 -14.68 -20.02
C ARG A 48 8.46 -14.33 -18.56
N LEU A 49 9.30 -14.99 -17.78
CA LEU A 49 9.49 -14.64 -16.36
C LEU A 49 9.95 -13.17 -16.15
N LYS A 50 10.86 -12.69 -17.00
CA LYS A 50 11.33 -11.31 -16.94
C LYS A 50 10.22 -10.30 -17.22
N SER A 51 9.36 -10.58 -18.19
CA SER A 51 8.27 -9.66 -18.50
C SER A 51 7.32 -9.49 -17.29
N VAL A 52 7.16 -10.56 -16.50
CA VAL A 52 6.35 -10.47 -15.27
C VAL A 52 7.10 -9.70 -14.18
N ALA A 53 8.36 -10.08 -13.98
CA ALA A 53 9.20 -9.44 -12.99
C ALA A 53 9.35 -7.92 -13.20
N PHE A 54 9.42 -7.46 -14.45
CA PHE A 54 9.64 -6.04 -14.75
C PHE A 54 8.38 -5.19 -14.86
N ASP A 55 7.21 -5.81 -14.79
CA ASP A 55 5.97 -5.15 -15.13
C ASP A 55 5.42 -4.42 -13.90
N LEU A 56 5.51 -3.11 -13.91
CA LEU A 56 5.16 -2.26 -12.78
C LEU A 56 3.67 -2.25 -12.47
N ASN A 57 2.84 -2.66 -13.44
CA ASN A 57 1.39 -2.81 -13.22
C ASN A 57 0.99 -4.16 -12.64
N ARG A 58 1.95 -5.01 -12.29
CA ARG A 58 1.66 -6.27 -11.59
C ARG A 58 2.02 -6.11 -10.09
N PRO A 59 1.29 -6.79 -9.20
CA PRO A 59 1.53 -6.64 -7.76
C PRO A 59 2.86 -7.26 -7.34
N ASP A 60 3.44 -6.73 -6.27
CA ASP A 60 4.78 -7.15 -5.82
C ASP A 60 4.90 -8.66 -5.62
N SER A 61 3.83 -9.25 -5.10
CA SER A 61 3.75 -10.70 -4.92
C SER A 61 4.09 -11.45 -6.19
N LEU A 62 3.55 -11.03 -7.32
CA LEU A 62 3.76 -11.73 -8.59
C LEU A 62 5.14 -11.51 -9.18
N ARG A 63 5.62 -10.28 -9.06
CA ARG A 63 6.94 -9.89 -9.55
C ARG A 63 8.01 -10.66 -8.79
N SER A 64 7.84 -10.72 -7.49
CA SER A 64 8.76 -11.44 -6.62
C SER A 64 8.77 -12.94 -6.92
N LEU A 65 7.58 -13.51 -7.13
CA LEU A 65 7.47 -14.92 -7.47
C LEU A 65 8.20 -15.26 -8.78
N ALA A 66 8.03 -14.39 -9.78
CA ALA A 66 8.69 -14.57 -11.07
C ALA A 66 10.21 -14.62 -10.94
N VAL A 67 10.76 -13.78 -10.07
CA VAL A 67 12.20 -13.83 -9.78
C VAL A 67 12.57 -15.17 -9.15
N THR A 68 11.84 -15.58 -8.13
CA THR A 68 12.04 -16.89 -7.50
C THR A 68 11.98 -17.99 -8.56
N CYS A 69 11.02 -17.90 -9.47
CA CYS A 69 10.93 -18.83 -10.61
C CYS A 69 12.17 -18.83 -11.50
N VAL A 70 12.77 -17.66 -11.69
CA VAL A 70 14.04 -17.58 -12.46
C VAL A 70 15.12 -18.37 -11.71
N GLY A 71 15.07 -18.31 -10.38
CA GLY A 71 15.92 -19.13 -9.51
C GLY A 71 15.73 -20.61 -9.75
N HIS A 72 14.48 -21.02 -9.96
CA HIS A 72 14.17 -22.42 -10.21
C HIS A 72 14.68 -22.87 -11.55
N LEU A 73 14.48 -22.06 -12.59
CA LEU A 73 15.05 -22.38 -13.90
C LEU A 73 16.54 -22.60 -13.82
N ALA A 74 17.23 -21.68 -13.16
CA ALA A 74 18.68 -21.74 -13.01
C ALA A 74 19.15 -23.03 -12.35
N ARG A 75 18.44 -23.42 -11.30
CA ARG A 75 18.65 -24.70 -10.63
C ARG A 75 18.53 -25.90 -11.58
N ARG A 76 17.57 -25.85 -12.50
CA ARG A 76 17.19 -27.02 -13.28
C ARG A 76 17.88 -27.17 -14.60
N ILE A 77 18.20 -26.07 -15.27
CA ILE A 77 18.58 -26.06 -16.70
C ILE A 77 20.08 -25.87 -16.99
N HIS A 78 20.73 -26.92 -17.53
CA HIS A 78 22.20 -26.91 -17.72
C HIS A 78 22.66 -25.81 -18.67
N ASP A 79 21.87 -25.57 -19.72
CA ASP A 79 22.27 -24.64 -20.79
C ASP A 79 21.70 -23.23 -20.68
N LEU A 80 21.45 -22.78 -19.46
CA LEU A 80 21.13 -21.37 -19.26
C LEU A 80 22.31 -20.46 -19.71
N ASP A 81 21.97 -19.23 -20.08
CA ASP A 81 22.93 -18.16 -20.24
C ASP A 81 23.22 -17.56 -18.86
N VAL A 82 24.33 -17.97 -18.27
CA VAL A 82 24.67 -17.64 -16.89
C VAL A 82 24.84 -16.13 -16.72
N ALA A 83 25.60 -15.52 -17.62
CA ALA A 83 25.84 -14.07 -17.57
C ALA A 83 24.55 -13.27 -17.66
N ALA A 85 21.43 -14.38 -16.82
CA ALA A 85 20.72 -14.65 -15.58
C ALA A 85 21.29 -13.82 -14.43
N GLU A 86 22.61 -13.70 -14.38
CA GLU A 86 23.27 -12.97 -13.30
C GLU A 86 23.07 -11.46 -13.38
N GLU A 87 23.23 -10.89 -14.58
CA GLU A 87 23.01 -9.44 -14.79
C GLU A 87 21.58 -9.06 -14.43
N PHE A 88 20.64 -9.94 -14.81
CA PHE A 88 19.23 -9.80 -14.45
C PHE A 88 19.00 -9.74 -12.92
N LEU A 89 19.50 -10.75 -12.23
CA LEU A 89 19.27 -10.82 -10.78
C LEU A 89 19.98 -9.69 -10.04
N LEU A 90 21.19 -9.34 -10.48
CA LEU A 90 21.94 -8.24 -9.89
C LEU A 90 21.30 -6.88 -10.15
N SER A 91 20.63 -6.72 -11.29
CA SER A 91 20.01 -5.45 -11.63
C SER A 91 18.80 -5.13 -10.74
N LEU A 92 18.29 -6.12 -10.01
CA LEU A 92 17.16 -5.96 -9.09
C LEU A 92 17.51 -5.70 -7.62
N GLY A 93 18.76 -5.92 -7.23
CA GLY A 93 19.19 -5.80 -5.82
C GLY A 93 18.83 -4.51 -5.11
N GLY A 94 18.66 -3.43 -5.89
CA GLY A 94 18.35 -2.11 -5.37
C GLY A 94 16.89 -1.74 -5.24
N ASP A 95 15.96 -2.59 -5.68
CA ASP A 95 14.54 -2.29 -5.49
C ASP A 95 13.77 -3.36 -4.70
N GLN A 96 13.05 -2.91 -3.66
CA GLN A 96 12.66 -3.76 -2.54
C GLN A 96 11.57 -4.79 -2.80
N ALA A 97 10.65 -4.44 -3.68
CA ALA A 97 9.58 -5.35 -4.10
C ALA A 97 10.10 -6.76 -4.45
N VAL A 98 11.27 -6.80 -5.10
CA VAL A 98 11.85 -8.09 -5.53
C VAL A 98 13.20 -8.46 -4.93
N ALA A 99 13.85 -7.53 -4.23
CA ALA A 99 15.20 -7.73 -3.71
C ALA A 99 15.38 -9.07 -3.01
N SER A 100 14.49 -9.38 -2.10
CA SER A 100 14.63 -10.57 -1.27
C SER A 100 14.65 -11.88 -2.10
N ALA A 101 13.72 -12.00 -3.04
CA ALA A 101 13.69 -13.14 -3.96
C ALA A 101 14.89 -13.15 -4.93
N ALA A 102 15.35 -11.95 -5.32
CA ALA A 102 16.57 -11.82 -6.14
C ALA A 102 17.77 -12.45 -5.45
N SER A 103 17.95 -12.12 -4.18
CA SER A 103 19.01 -12.70 -3.36
C SER A 103 18.95 -14.24 -3.31
N ASP A 104 17.76 -14.80 -3.11
CA ASP A 104 17.59 -16.26 -3.05
C ASP A 104 17.68 -16.93 -4.42
N ALA A 105 17.31 -16.21 -5.48
CA ALA A 105 17.47 -16.71 -6.83
C ALA A 105 18.96 -16.78 -7.19
N LEU A 106 19.70 -15.78 -6.73
CA LEU A 106 21.15 -15.71 -6.86
C LEU A 106 21.86 -16.85 -6.12
N ASP A 107 21.40 -17.14 -4.89
CA ASP A 107 21.81 -18.34 -4.16
C ASP A 107 21.64 -19.58 -5.06
N ASP A 108 20.48 -19.67 -5.73
CA ASP A 108 20.19 -20.80 -6.62
C ASP A 108 21.17 -20.85 -7.80
N LEU A 109 21.44 -19.69 -8.39
CA LEU A 109 22.37 -19.59 -9.51
C LEU A 109 23.78 -20.03 -9.11
N ARG A 110 24.28 -19.44 -8.03
CA ARG A 110 25.66 -19.68 -7.58
C ARG A 110 25.92 -21.15 -7.18
N ILE A 111 24.91 -21.81 -6.63
CA ILE A 111 25.05 -23.19 -6.16
C ILE A 111 25.02 -24.14 -7.36
N PHE A 112 23.92 -24.11 -8.10
CA PHE A 112 23.67 -25.09 -9.15
C PHE A 112 24.44 -24.86 -10.42
N ARG A 113 24.92 -23.64 -10.65
CA ARG A 113 25.55 -23.30 -11.92
C ARG A 113 26.94 -22.67 -11.89
N SER A 115 29.22 -23.46 -8.94
CA SER A 115 29.93 -24.16 -7.85
C SER A 115 29.94 -25.66 -8.15
N THR B 2 16.56 -11.36 31.14
CA THR B 2 17.50 -10.40 31.79
C THR B 2 17.50 -9.09 31.05
N ARG B 4 18.84 -5.63 29.71
CA ARG B 4 20.17 -5.15 29.30
C ARG B 4 20.10 -3.71 28.82
N TYR B 5 20.94 -2.85 29.38
CA TYR B 5 21.02 -1.48 28.91
C TYR B 5 22.04 -1.37 27.79
N GLN B 6 21.68 -0.61 26.76
CA GLN B 6 22.59 -0.27 25.65
C GLN B 6 22.35 1.15 25.17
N GLU B 7 23.35 2.01 25.37
CA GLU B 7 23.32 3.35 24.78
C GLU B 7 23.40 3.15 23.27
N PRO B 8 22.51 3.82 22.50
CA PRO B 8 22.50 3.55 21.05
C PRO B 8 23.81 3.91 20.37
N ALA B 9 24.25 3.04 19.45
CA ALA B 9 25.49 3.26 18.69
C ALA B 9 25.33 4.43 17.74
N ARG B 10 26.39 5.20 17.54
CA ARG B 10 26.34 6.36 16.67
C ARG B 10 26.75 5.94 15.27
N ILE B 11 25.88 6.20 14.30
CA ILE B 11 26.15 5.91 12.89
C ILE B 11 26.18 7.23 12.16
N PRO B 12 27.32 7.58 11.54
CA PRO B 12 27.41 8.89 10.91
C PRO B 12 26.27 9.18 9.91
N ASN B 13 25.77 10.41 9.95
CA ASN B 13 24.72 10.88 9.07
C ASN B 13 24.76 10.28 7.66
N ALA B 14 25.90 10.42 7.01
CA ALA B 14 26.10 10.00 5.61
C ALA B 14 25.92 8.50 5.33
N GLU B 15 26.21 7.69 6.35
CA GLU B 15 26.11 6.23 6.27
C GLU B 15 24.66 5.69 6.46
N ILE B 16 23.75 6.52 6.95
CA ILE B 16 22.43 6.03 7.37
C ILE B 16 21.62 5.42 6.24
N ASP B 17 21.44 6.16 5.16
CA ASP B 17 20.62 5.65 4.07
C ASP B 17 21.09 4.30 3.54
N HIS B 18 22.40 4.08 3.49
CA HIS B 18 22.94 2.84 2.97
C HIS B 18 22.64 1.70 3.92
N VAL B 19 22.70 1.97 5.21
CA VAL B 19 22.38 0.98 6.22
C VAL B 19 20.89 0.63 6.14
N LEU B 20 20.04 1.64 6.13
CA LEU B 20 18.60 1.43 5.93
C LEU B 20 18.31 0.58 4.68
N ALA B 21 19.03 0.84 3.60
CA ALA B 21 18.78 0.18 2.32
C ALA B 21 19.18 -1.30 2.27
N SER B 22 20.23 -1.68 2.97
CA SER B 22 20.86 -3.00 2.81
C SER B 22 21.22 -3.70 4.11
N GLY B 23 20.98 -3.03 5.24
CA GLY B 23 21.39 -3.55 6.52
C GLY B 23 20.52 -4.69 7.00
N ASN B 24 21.10 -5.54 7.85
CA ASN B 24 20.35 -6.53 8.61
C ASN B 24 19.37 -5.83 9.59
N PRO B 25 18.39 -6.58 10.11
CA PRO B 25 17.46 -6.06 11.11
C PRO B 25 18.12 -5.36 12.27
N GLU B 26 19.15 -5.95 12.85
CA GLU B 26 19.84 -5.29 13.97
C GLU B 26 20.41 -3.90 13.57
N ALA B 27 20.93 -3.82 12.34
CA ALA B 27 21.57 -2.59 11.85
C ALA B 27 20.53 -1.52 11.55
N ILE B 28 19.35 -1.94 11.11
CA ILE B 28 18.23 -1.03 10.87
C ILE B 28 17.75 -0.41 12.17
N ALA B 29 17.77 -1.22 13.22
CA ALA B 29 17.51 -0.75 14.56
C ALA B 29 18.56 0.25 15.04
N ASP B 30 19.84 -0.03 14.78
CA ASP B 30 20.91 0.92 15.13
C ASP B 30 20.67 2.24 14.41
N ALA B 31 20.34 2.15 13.13
CA ALA B 31 20.11 3.36 12.35
C ALA B 31 18.94 4.17 12.89
N CYS B 32 17.85 3.47 13.22
CA CYS B 32 16.69 4.14 13.76
C CYS B 32 17.05 4.89 15.04
N LEU B 33 17.80 4.23 15.92
CA LEU B 33 18.11 4.83 17.22
C LEU B 33 19.18 5.89 17.09
N SER B 34 20.07 5.75 16.11
CA SER B 34 21.09 6.78 15.84
C SER B 34 20.40 8.06 15.40
N ILE B 35 19.45 7.92 14.48
CA ILE B 35 18.59 9.03 14.05
C ILE B 35 17.86 9.62 15.27
N ALA B 36 17.24 8.74 16.04
CA ALA B 36 16.47 9.15 17.21
C ALA B 36 17.27 9.98 18.21
N TYR B 37 18.53 9.59 18.44
CA TYR B 37 19.34 10.17 19.52
C TYR B 37 20.32 11.26 19.10
N TYR B 38 20.84 11.19 17.87
CA TYR B 38 21.96 12.03 17.44
C TYR B 38 21.70 12.96 16.28
N GLU B 39 20.56 12.79 15.57
CA GLU B 39 20.22 13.63 14.43
C GLU B 39 19.19 14.69 14.81
N ASP B 40 19.33 15.88 14.23
CA ASP B 40 18.63 17.07 14.70
C ASP B 40 17.73 17.74 13.67
N ASP B 41 17.73 17.31 12.41
CA ASP B 41 16.81 17.91 11.47
C ASP B 41 15.56 17.05 11.44
N TRP B 42 14.45 17.67 11.75
CA TRP B 42 13.18 16.99 11.79
C TRP B 42 12.80 16.37 10.46
N GLU B 43 12.77 17.19 9.42
CA GLU B 43 12.31 16.71 8.11
C GLU B 43 13.08 15.47 7.67
N TRP B 44 14.38 15.53 7.81
CA TRP B 44 15.27 14.48 7.36
C TRP B 44 15.09 13.22 8.22
N ALA B 45 15.11 13.41 9.54
CA ALA B 45 14.98 12.32 10.51
C ALA B 45 13.61 11.61 10.45
N PHE B 46 12.54 12.42 10.46
CA PHE B 46 11.17 11.89 10.41
C PHE B 46 10.89 11.03 9.17
N LYS B 47 11.27 11.55 8.02
CA LYS B 47 11.06 10.86 6.74
C LYS B 47 11.58 9.39 6.78
N ARG B 48 12.73 9.19 7.41
CA ARG B 48 13.37 7.89 7.46
C ARG B 48 12.71 6.94 8.46
N LEU B 49 12.42 7.46 9.64
CA LEU B 49 11.71 6.70 10.67
C LEU B 49 10.32 6.29 10.20
N LYS B 50 9.59 7.23 9.61
CA LYS B 50 8.25 6.93 9.05
C LYS B 50 8.36 5.82 8.03
N SER B 51 9.40 5.89 7.24
CA SER B 51 9.65 4.94 6.17
C SER B 51 9.82 3.50 6.67
N VAL B 52 10.47 3.35 7.83
CA VAL B 52 10.57 2.05 8.47
C VAL B 52 9.22 1.66 9.12
N ALA B 53 8.61 2.56 9.88
CA ALA B 53 7.29 2.30 10.48
C ALA B 53 6.19 1.85 9.48
N PHE B 54 6.17 2.41 8.28
CA PHE B 54 5.12 2.09 7.29
C PHE B 54 5.45 0.88 6.42
N ASP B 55 6.67 0.35 6.51
CA ASP B 55 7.07 -0.82 5.71
C ASP B 55 6.54 -2.11 6.36
N LEU B 56 5.38 -2.55 5.90
CA LEU B 56 4.72 -3.68 6.54
C LEU B 56 5.42 -5.02 6.29
N ASN B 57 6.44 -5.07 5.44
CA ASN B 57 7.31 -6.25 5.33
C ASN B 57 8.39 -6.36 6.40
N ARG B 58 8.55 -5.31 7.21
CA ARG B 58 9.46 -5.35 8.35
C ARG B 58 8.77 -6.01 9.54
N PRO B 59 9.56 -6.61 10.45
CA PRO B 59 8.94 -7.19 11.63
C PRO B 59 8.44 -6.14 12.62
N ASP B 60 7.39 -6.53 13.35
CA ASP B 60 6.76 -5.67 14.33
C ASP B 60 7.78 -4.97 15.21
N SER B 61 8.80 -5.72 15.63
CA SER B 61 9.82 -5.21 16.56
C SER B 61 10.56 -4.01 16.03
N LEU B 62 10.83 -4.00 14.73
CA LEU B 62 11.51 -2.89 14.08
C LEU B 62 10.60 -1.70 13.87
N ARG B 63 9.41 -1.96 13.34
CA ARG B 63 8.42 -0.92 13.12
C ARG B 63 8.07 -0.24 14.45
N SER B 64 7.93 -1.02 15.50
CA SER B 64 7.66 -0.50 16.83
C SER B 64 8.81 0.39 17.35
N LEU B 65 10.02 -0.11 17.26
CA LEU B 65 11.18 0.72 17.54
C LEU B 65 11.16 2.06 16.76
N ALA B 66 10.81 2.00 15.49
CA ALA B 66 10.78 3.21 14.67
C ALA B 66 9.83 4.27 15.23
N VAL B 67 8.67 3.80 15.68
CA VAL B 67 7.66 4.68 16.24
C VAL B 67 8.17 5.29 17.55
N THR B 68 8.74 4.47 18.43
CA THR B 68 9.41 5.01 19.63
C THR B 68 10.41 6.07 19.24
N CYS B 69 11.23 5.78 18.22
CA CYS B 69 12.22 6.74 17.77
C CYS B 69 11.62 8.11 17.38
N VAL B 70 10.43 8.11 16.78
CA VAL B 70 9.75 9.36 16.50
C VAL B 70 9.42 10.11 17.78
N GLY B 71 9.04 9.38 18.82
CA GLY B 71 8.85 9.96 20.13
C GLY B 71 10.10 10.64 20.67
N HIS B 72 11.24 10.00 20.48
CA HIS B 72 12.52 10.62 20.86
C HIS B 72 12.82 11.90 20.09
N LEU B 73 12.48 11.92 18.81
CA LEU B 73 12.66 13.15 18.02
C LEU B 73 11.82 14.29 18.56
N ALA B 74 10.59 13.98 18.94
CA ALA B 74 9.66 14.98 19.45
C ALA B 74 10.18 15.58 20.75
N ARG B 75 10.77 14.74 21.58
CA ARG B 75 11.36 15.15 22.82
C ARG B 75 12.55 16.05 22.59
N ARG B 76 13.37 15.72 21.60
CA ARG B 76 14.66 16.37 21.43
C ARG B 76 14.65 17.62 20.57
N ILE B 77 13.80 17.68 19.54
CA ILE B 77 13.89 18.69 18.48
C ILE B 77 12.85 19.82 18.63
N HIS B 78 13.34 21.03 18.89
CA HIS B 78 12.50 22.20 19.09
C HIS B 78 11.69 22.50 17.83
N ASP B 79 12.36 22.55 16.67
CA ASP B 79 11.70 22.92 15.43
C ASP B 79 11.17 21.72 14.64
N LEU B 80 10.33 20.90 15.29
CA LEU B 80 9.59 19.85 14.58
C LEU B 80 8.29 20.40 14.01
N ASP B 81 7.58 19.57 13.24
CA ASP B 81 6.20 19.86 12.79
C ASP B 81 5.27 19.00 13.65
N VAL B 82 4.62 19.65 14.61
CA VAL B 82 3.83 18.95 15.65
C VAL B 82 2.60 18.26 15.05
N ALA B 83 1.84 18.95 14.21
CA ALA B 83 0.70 18.34 13.51
C ALA B 83 1.10 17.07 12.75
N ALA B 85 3.65 15.08 13.22
CA ALA B 85 4.02 14.03 14.15
C ALA B 85 2.82 13.36 14.79
N GLU B 86 1.87 14.18 15.20
CA GLU B 86 0.63 13.69 15.82
C GLU B 86 -0.18 12.85 14.85
N GLU B 87 -0.34 13.36 13.63
CA GLU B 87 -1.08 12.62 12.61
C GLU B 87 -0.37 11.31 12.31
N PHE B 88 0.95 11.35 12.31
CA PHE B 88 1.71 10.14 12.08
C PHE B 88 1.41 9.11 13.14
N LEU B 89 1.51 9.52 14.40
CA LEU B 89 1.32 8.60 15.51
C LEU B 89 -0.11 8.04 15.63
N LEU B 90 -1.11 8.88 15.36
CA LEU B 90 -2.48 8.42 15.27
C LEU B 90 -2.75 7.52 14.07
N SER B 91 -2.01 7.68 12.96
CA SER B 91 -2.25 6.87 11.76
C SER B 91 -1.88 5.40 11.93
N LEU B 92 -1.12 5.11 12.98
CA LEU B 92 -0.69 3.75 13.33
C LEU B 92 -1.22 3.27 14.67
N GLY B 93 -2.12 4.04 15.28
CA GLY B 93 -2.56 3.79 16.63
C GLY B 93 -3.31 2.49 16.77
N GLY B 94 -4.04 2.10 15.72
CA GLY B 94 -4.83 0.87 15.72
C GLY B 94 -4.11 -0.42 15.34
N ASP B 95 -2.81 -0.36 15.04
CA ASP B 95 -1.97 -1.53 14.78
C ASP B 95 -1.32 -1.96 16.08
N GLN B 96 -1.75 -3.11 16.58
CA GLN B 96 -1.26 -3.58 17.87
C GLN B 96 0.23 -3.87 17.89
N ALA B 97 0.80 -4.25 16.75
CA ALA B 97 2.24 -4.32 16.58
C ALA B 97 3.01 -3.11 17.13
N VAL B 98 2.45 -1.90 16.95
CA VAL B 98 3.13 -0.64 17.36
C VAL B 98 2.32 0.35 18.20
N ALA B 99 1.05 0.04 18.44
CA ALA B 99 0.14 0.84 19.29
C ALA B 99 0.72 1.34 20.60
N SER B 100 1.44 0.49 21.30
N SER B 100 1.44 0.49 21.31
CA SER B 100 2.03 0.84 22.59
CA SER B 100 2.03 0.86 22.60
C SER B 100 3.12 1.90 22.43
C SER B 100 3.11 1.94 22.41
N ALA B 101 4.01 1.69 21.46
CA ALA B 101 5.05 2.69 21.14
C ALA B 101 4.43 3.99 20.61
N ALA B 102 3.39 3.88 19.78
CA ALA B 102 2.69 5.07 19.31
C ALA B 102 2.15 5.87 20.47
N SER B 103 1.51 5.18 21.41
CA SER B 103 0.93 5.86 22.56
C SER B 103 2.00 6.48 23.46
N ASP B 104 3.13 5.81 23.66
CA ASP B 104 4.24 6.40 24.42
C ASP B 104 4.84 7.61 23.71
N ALA B 105 4.88 7.57 22.38
CA ALA B 105 5.43 8.65 21.59
C ALA B 105 4.55 9.91 21.63
N LEU B 106 3.23 9.71 21.62
CA LEU B 106 2.29 10.81 21.87
C LEU B 106 2.49 11.46 23.22
N ASP B 107 2.78 10.66 24.25
CA ASP B 107 3.08 11.20 25.57
C ASP B 107 4.31 12.08 25.51
N ASP B 108 5.29 11.63 24.74
CA ASP B 108 6.52 12.39 24.49
C ASP B 108 6.20 13.67 23.74
N LEU B 109 5.37 13.56 22.70
CA LEU B 109 4.92 14.76 21.97
C LEU B 109 4.19 15.76 22.85
N ARG B 110 3.23 15.28 23.66
CA ARG B 110 2.41 16.14 24.49
C ARG B 110 3.27 16.87 25.52
N ILE B 111 4.12 16.10 26.21
CA ILE B 111 4.90 16.66 27.30
C ILE B 111 5.85 17.75 26.82
N PHE B 112 6.52 17.49 25.72
CA PHE B 112 7.62 18.32 25.32
C PHE B 112 7.23 19.46 24.37
N ARG B 113 6.10 19.34 23.67
CA ARG B 113 5.72 20.32 22.66
C ARG B 113 4.29 20.86 22.75
N THR C 2 -34.27 4.81 6.64
CA THR C 2 -34.45 4.14 5.33
C THR C 2 -33.13 3.51 4.89
N ARG C 4 -30.65 1.64 2.39
CA ARG C 4 -30.38 1.75 0.94
C ARG C 4 -29.31 0.76 0.55
N TYR C 5 -29.56 0.03 -0.54
CA TYR C 5 -28.58 -0.87 -1.13
C TYR C 5 -27.79 -0.13 -2.23
N GLN C 6 -26.47 -0.04 -2.06
CA GLN C 6 -25.53 0.49 -3.07
C GLN C 6 -24.47 -0.57 -3.27
N GLU C 7 -24.46 -1.17 -4.45
CA GLU C 7 -23.42 -2.11 -4.83
C GLU C 7 -22.10 -1.33 -4.94
N PRO C 8 -20.99 -1.85 -4.37
CA PRO C 8 -19.73 -1.11 -4.41
C PRO C 8 -19.34 -0.63 -5.80
N ALA C 9 -19.01 0.65 -5.91
CA ALA C 9 -18.45 1.19 -7.15
C ALA C 9 -17.04 0.65 -7.41
N ARG C 10 -16.71 0.53 -8.68
CA ARG C 10 -15.42 0.01 -9.13
C ARG C 10 -14.43 1.18 -9.32
N ILE C 11 -13.34 1.13 -8.56
CA ILE C 11 -12.26 2.09 -8.66
C ILE C 11 -11.05 1.36 -9.27
N PRO C 12 -10.54 1.88 -10.40
CA PRO C 12 -9.43 1.19 -11.02
C PRO C 12 -8.26 1.04 -10.05
N ASN C 13 -7.68 -0.15 -10.05
CA ASN C 13 -6.50 -0.46 -9.25
C ASN C 13 -5.44 0.68 -9.14
N ALA C 14 -5.06 1.24 -10.27
CA ALA C 14 -3.99 2.24 -10.31
C ALA C 14 -4.36 3.58 -9.63
N GLU C 15 -5.64 3.83 -9.45
CA GLU C 15 -6.15 5.05 -8.80
C GLU C 15 -6.31 4.92 -7.26
N ILE C 16 -6.31 3.70 -6.74
CA ILE C 16 -6.61 3.42 -5.34
C ILE C 16 -5.76 4.18 -4.31
N ASP C 17 -4.44 4.12 -4.45
CA ASP C 17 -3.55 4.77 -3.48
C ASP C 17 -3.73 6.28 -3.40
N HIS C 18 -3.90 6.92 -4.56
CA HIS C 18 -4.17 8.36 -4.62
C HIS C 18 -5.48 8.74 -3.95
N VAL C 19 -6.49 7.90 -4.12
CA VAL C 19 -7.78 8.10 -3.47
C VAL C 19 -7.69 7.96 -1.94
N LEU C 20 -6.99 6.94 -1.45
CA LEU C 20 -6.79 6.77 0.00
C LEU C 20 -6.04 7.94 0.65
N ALA C 21 -5.11 8.54 -0.05
CA ALA C 21 -4.24 9.57 0.53
C ALA C 21 -4.93 10.91 0.65
N SER C 22 -5.84 11.15 -0.28
CA SER C 22 -6.38 12.47 -0.50
C SER C 22 -7.86 12.53 -0.23
N GLY C 23 -8.57 11.49 -0.66
CA GLY C 23 -10.02 11.46 -0.63
C GLY C 23 -10.73 11.88 0.65
N ASN C 24 -11.97 12.30 0.48
CA ASN C 24 -12.91 12.47 1.57
C ASN C 24 -13.26 11.10 2.15
N PRO C 25 -13.98 11.05 3.28
CA PRO C 25 -14.47 9.80 3.85
C PRO C 25 -15.27 8.92 2.89
N GLU C 26 -16.18 9.54 2.14
CA GLU C 26 -16.97 8.79 1.18
C GLU C 26 -16.08 8.06 0.17
N ALA C 27 -15.07 8.75 -0.37
CA ALA C 27 -14.19 8.18 -1.38
C ALA C 27 -13.31 7.09 -0.80
N ILE C 28 -12.93 7.21 0.47
CA ILE C 28 -12.10 6.19 1.12
C ILE C 28 -12.90 4.91 1.37
N ALA C 29 -14.17 5.10 1.69
CA ALA C 29 -15.07 3.97 1.78
C ALA C 29 -15.25 3.27 0.44
N ASP C 30 -15.33 4.04 -0.65
CA ASP C 30 -15.38 3.45 -2.00
C ASP C 30 -14.15 2.60 -2.29
N ALA C 31 -12.99 3.16 -2.02
CA ALA C 31 -11.72 2.46 -2.21
C ALA C 31 -11.67 1.15 -1.44
N CYS C 32 -12.04 1.21 -0.17
CA CYS C 32 -12.05 0.01 0.67
C CYS C 32 -12.98 -1.05 0.12
N LEU C 33 -14.15 -0.64 -0.31
CA LEU C 33 -15.08 -1.61 -0.87
C LEU C 33 -14.65 -2.16 -2.22
N SER C 34 -14.04 -1.29 -3.02
CA SER C 34 -13.53 -1.72 -4.34
C SER C 34 -12.41 -2.73 -4.20
N ILE C 35 -11.49 -2.47 -3.28
CA ILE C 35 -10.48 -3.45 -2.88
C ILE C 35 -11.17 -4.73 -2.43
N ALA C 36 -12.10 -4.60 -1.49
CA ALA C 36 -12.76 -5.76 -0.91
C ALA C 36 -13.47 -6.61 -1.92
N TYR C 37 -14.13 -5.96 -2.88
CA TYR C 37 -14.97 -6.66 -3.86
C TYR C 37 -14.27 -7.02 -5.17
N TYR C 38 -13.36 -6.19 -5.67
CA TYR C 38 -12.88 -6.35 -7.06
C TYR C 38 -11.42 -6.73 -7.24
N GLU C 39 -10.60 -6.62 -6.18
CA GLU C 39 -9.16 -6.87 -6.28
C GLU C 39 -8.86 -8.31 -5.82
N ASP C 40 -7.99 -9.00 -6.56
CA ASP C 40 -7.75 -10.43 -6.36
C ASP C 40 -6.41 -10.78 -5.72
N ASP C 41 -5.52 -9.80 -5.49
CA ASP C 41 -4.24 -10.11 -4.83
C ASP C 41 -4.33 -9.91 -3.31
N TRP C 42 -4.10 -10.97 -2.56
CA TRP C 42 -4.26 -10.90 -1.10
C TRP C 42 -3.36 -9.85 -0.48
N GLU C 43 -2.07 -9.94 -0.75
CA GLU C 43 -1.12 -9.07 -0.09
C GLU C 43 -1.36 -7.58 -0.35
N TRP C 44 -1.57 -7.23 -1.61
CA TRP C 44 -1.76 -5.84 -1.98
C TRP C 44 -3.01 -5.26 -1.31
N ALA C 45 -4.12 -5.98 -1.48
CA ALA C 45 -5.40 -5.62 -0.87
C ALA C 45 -5.33 -5.56 0.65
N PHE C 46 -4.74 -6.58 1.25
CA PHE C 46 -4.69 -6.71 2.70
C PHE C 46 -4.00 -5.55 3.39
N LYS C 47 -2.83 -5.17 2.91
CA LYS C 47 -2.07 -4.06 3.49
C LYS C 47 -2.82 -2.75 3.45
N ARG C 48 -3.54 -2.54 2.35
CA ARG C 48 -4.29 -1.31 2.18
C ARG C 48 -5.48 -1.21 3.12
N LEU C 49 -6.23 -2.30 3.27
CA LEU C 49 -7.36 -2.31 4.18
C LEU C 49 -6.87 -2.17 5.64
N LYS C 50 -5.80 -2.90 5.98
CA LYS C 50 -5.21 -2.78 7.31
C LYS C 50 -4.84 -1.34 7.66
N SER C 51 -4.24 -0.65 6.70
CA SER C 51 -3.72 0.71 6.90
C SER C 51 -4.83 1.70 7.22
N VAL C 52 -5.98 1.54 6.59
CA VAL C 52 -7.15 2.30 6.97
C VAL C 52 -7.61 1.94 8.39
N ALA C 53 -7.73 0.64 8.64
CA ALA C 53 -8.21 0.17 9.94
C ALA C 53 -7.30 0.61 11.09
N PHE C 54 -6.00 0.77 10.83
CA PHE C 54 -5.07 1.23 11.85
C PHE C 54 -5.13 2.73 12.12
N ASP C 55 -5.80 3.48 11.25
CA ASP C 55 -5.60 4.92 11.17
C ASP C 55 -6.62 5.62 12.07
N LEU C 56 -6.17 6.09 13.23
CA LEU C 56 -7.05 6.76 14.20
C LEU C 56 -7.38 8.22 13.84
N ASN C 57 -6.81 8.74 12.75
CA ASN C 57 -7.29 10.00 12.15
C ASN C 57 -8.63 9.80 11.47
N ARG C 58 -8.91 8.57 11.06
CA ARG C 58 -10.15 8.24 10.37
C ARG C 58 -11.32 8.10 11.37
N PRO C 59 -12.55 8.44 10.95
CA PRO C 59 -13.71 8.14 11.83
C PRO C 59 -13.97 6.65 12.02
N ASP C 60 -14.44 6.28 13.22
CA ASP C 60 -14.75 4.89 13.58
C ASP C 60 -15.42 4.06 12.47
N SER C 61 -16.37 4.70 11.80
CA SER C 61 -17.19 4.07 10.77
C SER C 61 -16.35 3.56 9.62
N LEU C 62 -15.30 4.31 9.31
CA LEU C 62 -14.43 4.00 8.21
C LEU C 62 -13.48 2.88 8.59
N ARG C 63 -12.98 2.91 9.82
CA ARG C 63 -12.06 1.88 10.26
C ARG C 63 -12.80 0.58 10.42
N SER C 64 -14.04 0.66 10.89
CA SER C 64 -14.91 -0.48 11.00
C SER C 64 -15.17 -1.08 9.60
N LEU C 65 -15.50 -0.22 8.66
CA LEU C 65 -15.68 -0.66 7.26
C LEU C 65 -14.43 -1.36 6.71
N ALA C 66 -13.26 -0.81 6.99
CA ALA C 66 -12.04 -1.46 6.52
C ALA C 66 -11.93 -2.89 7.08
N VAL C 67 -12.25 -3.04 8.34
CA VAL C 67 -12.26 -4.36 8.98
C VAL C 67 -13.30 -5.31 8.35
N THR C 68 -14.54 -4.85 8.20
CA THR C 68 -15.52 -5.59 7.42
C THR C 68 -14.93 -6.00 6.05
N CYS C 69 -14.27 -5.06 5.39
CA CYS C 69 -13.67 -5.30 4.08
C CYS C 69 -12.63 -6.45 4.08
N VAL C 70 -11.83 -6.56 5.13
CA VAL C 70 -10.93 -7.72 5.26
C VAL C 70 -11.68 -9.07 5.26
N GLY C 71 -12.84 -9.11 5.93
CA GLY C 71 -13.75 -10.26 5.88
C GLY C 71 -14.19 -10.61 4.47
N HIS C 72 -14.63 -9.62 3.70
CA HIS C 72 -14.94 -9.86 2.28
C HIS C 72 -13.74 -10.41 1.50
N LEU C 73 -12.56 -9.86 1.79
CA LEU C 73 -11.34 -10.31 1.10
C LEU C 73 -11.05 -11.79 1.37
N ALA C 74 -11.26 -12.20 2.62
CA ALA C 74 -10.98 -13.58 3.02
C ALA C 74 -12.00 -14.56 2.46
N ARG C 75 -13.26 -14.11 2.38
CA ARG C 75 -14.32 -14.88 1.77
C ARG C 75 -14.00 -15.16 0.31
N ARG C 76 -13.49 -14.14 -0.39
CA ARG C 76 -13.30 -14.22 -1.85
C ARG C 76 -12.01 -14.86 -2.34
N ILE C 77 -10.92 -14.73 -1.58
CA ILE C 77 -9.58 -15.00 -2.11
C ILE C 77 -9.01 -16.32 -1.59
N HIS C 78 -8.87 -17.28 -2.51
CA HIS C 78 -8.36 -18.62 -2.19
C HIS C 78 -6.95 -18.57 -1.59
N ASP C 79 -6.07 -17.76 -2.17
CA ASP C 79 -4.66 -17.75 -1.77
C ASP C 79 -4.35 -16.61 -0.80
N LEU C 80 -5.14 -16.55 0.27
CA LEU C 80 -4.85 -15.67 1.39
C LEU C 80 -3.80 -16.26 2.32
N ASP C 81 -3.32 -15.45 3.26
CA ASP C 81 -2.56 -15.94 4.38
C ASP C 81 -3.53 -16.02 5.58
N VAL C 82 -4.05 -17.23 5.82
CA VAL C 82 -5.11 -17.43 6.83
C VAL C 82 -4.68 -16.98 8.23
N ALA C 83 -3.50 -17.44 8.64
CA ALA C 83 -2.88 -17.05 9.92
C ALA C 83 -2.68 -15.55 10.11
N ALA C 85 -4.30 -13.09 8.58
CA ALA C 85 -5.65 -12.52 8.65
C ALA C 85 -6.30 -12.68 10.03
N GLU C 86 -6.22 -13.91 10.54
CA GLU C 86 -6.71 -14.22 11.88
C GLU C 86 -6.02 -13.40 12.95
N GLU C 87 -4.69 -13.30 12.88
CA GLU C 87 -3.93 -12.55 13.90
C GLU C 87 -4.36 -11.08 13.90
N PHE C 88 -4.65 -10.55 12.71
CA PHE C 88 -5.07 -9.15 12.57
C PHE C 88 -6.44 -8.94 13.21
N LEU C 89 -7.38 -9.80 12.89
CA LEU C 89 -8.75 -9.67 13.38
C LEU C 89 -8.84 -9.87 14.91
N LEU C 90 -8.17 -10.91 15.41
CA LEU C 90 -8.11 -11.17 16.85
C LEU C 90 -7.45 -10.03 17.60
N SER C 91 -6.49 -9.35 16.97
CA SER C 91 -5.79 -8.21 17.61
C SER C 91 -6.71 -7.02 17.87
N LEU C 92 -7.86 -6.95 17.22
CA LEU C 92 -8.83 -5.86 17.36
C LEU C 92 -9.94 -6.05 18.43
N GLY C 93 -9.90 -7.17 19.16
CA GLY C 93 -10.99 -7.51 20.09
C GLY C 93 -11.30 -6.43 21.11
N GLY C 94 -10.24 -5.79 21.62
CA GLY C 94 -10.36 -4.70 22.58
C GLY C 94 -10.50 -3.31 22.00
N ASP C 95 -10.65 -3.16 20.68
CA ASP C 95 -10.85 -1.86 20.04
C ASP C 95 -12.34 -1.71 19.74
N GLN C 96 -13.00 -0.87 20.54
CA GLN C 96 -14.46 -0.81 20.58
C GLN C 96 -15.09 -0.41 19.26
N ALA C 97 -14.48 0.55 18.59
CA ALA C 97 -15.02 1.04 17.33
C ALA C 97 -15.10 -0.03 16.23
N VAL C 98 -14.22 -1.03 16.30
CA VAL C 98 -14.15 -2.07 15.26
C VAL C 98 -14.40 -3.50 15.71
N ALA C 99 -14.56 -3.71 17.03
CA ALA C 99 -14.68 -5.06 17.58
C ALA C 99 -15.79 -5.90 16.94
N SER C 100 -16.92 -5.25 16.64
CA SER C 100 -18.07 -5.90 16.03
C SER C 100 -17.81 -6.36 14.59
N ALA C 101 -17.41 -5.43 13.73
CA ALA C 101 -16.90 -5.78 12.41
C ALA C 101 -15.85 -6.92 12.42
N ALA C 102 -14.92 -6.86 13.37
CA ALA C 102 -13.88 -7.90 13.51
C ALA C 102 -14.49 -9.25 13.73
N SER C 103 -15.52 -9.29 14.57
CA SER C 103 -16.18 -10.55 14.88
C SER C 103 -16.86 -11.14 13.64
N ASP C 104 -17.59 -10.30 12.90
CA ASP C 104 -18.22 -10.72 11.64
C ASP C 104 -17.19 -11.18 10.60
N ALA C 105 -16.01 -10.54 10.60
CA ALA C 105 -14.95 -10.90 9.65
C ALA C 105 -14.30 -12.23 10.01
N LEU C 106 -14.11 -12.45 11.31
CA LEU C 106 -13.67 -13.78 11.78
C LEU C 106 -14.61 -14.89 11.34
N ASP C 107 -15.92 -14.66 11.43
CA ASP C 107 -16.91 -15.63 10.94
C ASP C 107 -16.71 -15.93 9.46
N ASP C 108 -16.49 -14.86 8.69
CA ASP C 108 -16.24 -14.97 7.26
C ASP C 108 -14.98 -15.78 7.00
N LEU C 109 -13.92 -15.48 7.75
CA LEU C 109 -12.68 -16.24 7.64
C LEU C 109 -12.88 -17.72 7.95
N ARG C 110 -13.46 -18.00 9.13
CA ARG C 110 -13.72 -19.38 9.63
C ARG C 110 -14.47 -20.18 8.61
N ILE C 111 -15.63 -19.68 8.24
CA ILE C 111 -16.50 -20.40 7.33
C ILE C 111 -15.80 -20.70 6.01
N PHE C 112 -15.28 -19.67 5.39
CA PHE C 112 -14.81 -19.79 4.00
C PHE C 112 -13.43 -20.42 3.86
N ARG C 113 -12.60 -20.26 4.89
CA ARG C 113 -11.21 -20.70 4.80
C ARG C 113 -10.73 -21.69 5.87
N SER C 115 -12.71 -24.08 7.59
CA SER C 115 -13.64 -25.18 7.83
C SER C 115 -13.11 -26.45 7.16
N ASP C 116 -12.03 -26.99 7.73
CA ASP C 116 -11.33 -28.15 7.17
C ASP C 116 -10.88 -27.93 5.72
N THR D 2 12.76 25.07 -33.39
CA THR D 2 11.53 25.93 -33.54
C THR D 2 10.31 25.16 -33.06
N ARG D 4 6.47 24.00 -32.92
CA ARG D 4 5.41 23.80 -33.91
C ARG D 4 4.04 23.85 -33.25
N TYR D 5 3.10 24.48 -33.93
CA TYR D 5 1.70 24.46 -33.55
C TYR D 5 1.03 23.31 -34.26
N GLN D 6 0.18 22.59 -33.53
CA GLN D 6 -0.65 21.54 -34.11
C GLN D 6 -1.98 21.53 -33.40
N GLU D 7 -2.99 21.93 -34.13
CA GLU D 7 -4.35 21.89 -33.66
C GLU D 7 -4.75 20.44 -33.60
N PRO D 8 -5.33 19.99 -32.47
CA PRO D 8 -5.69 18.59 -32.35
C PRO D 8 -6.66 18.09 -33.40
N ALA D 9 -6.38 16.90 -33.92
CA ALA D 9 -7.31 16.18 -34.76
C ALA D 9 -8.51 15.64 -33.93
N ARG D 10 -9.66 15.52 -34.58
CA ARG D 10 -10.84 14.86 -34.01
C ARG D 10 -10.72 13.37 -34.27
N ILE D 11 -10.67 12.56 -33.21
CA ILE D 11 -10.82 11.11 -33.35
C ILE D 11 -12.27 10.73 -33.03
N PRO D 12 -12.93 9.92 -33.89
CA PRO D 12 -14.31 9.59 -33.55
C PRO D 12 -14.37 8.86 -32.21
N ASN D 13 -15.46 9.11 -31.48
CA ASN D 13 -15.61 8.58 -30.14
C ASN D 13 -15.41 7.06 -30.08
N ALA D 14 -15.99 6.32 -31.03
CA ALA D 14 -15.92 4.85 -31.01
C ALA D 14 -14.50 4.24 -31.10
N GLU D 15 -13.54 5.01 -31.61
CA GLU D 15 -12.19 4.50 -31.87
C GLU D 15 -11.21 4.78 -30.76
N ILE D 16 -11.64 5.61 -29.81
CA ILE D 16 -10.76 6.15 -28.77
C ILE D 16 -10.17 5.05 -27.91
N ASP D 17 -11.01 4.09 -27.52
CA ASP D 17 -10.56 3.02 -26.66
C ASP D 17 -9.54 2.11 -27.33
N HIS D 18 -9.76 1.81 -28.61
CA HIS D 18 -8.76 1.04 -29.35
C HIS D 18 -7.42 1.76 -29.39
N VAL D 19 -7.44 3.07 -29.67
CA VAL D 19 -6.22 3.86 -29.77
C VAL D 19 -5.45 3.90 -28.46
N LEU D 20 -6.16 4.02 -27.35
CA LEU D 20 -5.53 3.99 -26.02
C LEU D 20 -4.94 2.62 -25.66
N ALA D 21 -5.61 1.54 -26.04
CA ALA D 21 -5.10 0.19 -25.77
C ALA D 21 -3.85 -0.12 -26.59
N SER D 22 -3.87 0.29 -27.86
CA SER D 22 -2.91 -0.15 -28.87
C SER D 22 -1.92 0.92 -29.35
N GLY D 23 -2.22 2.19 -29.13
CA GLY D 23 -1.48 3.25 -29.82
C GLY D 23 0.00 3.42 -29.50
N ASN D 24 0.71 4.01 -30.44
CA ASN D 24 2.02 4.56 -30.14
C ASN D 24 1.77 5.91 -29.43
N PRO D 25 2.79 6.47 -28.78
CA PRO D 25 2.61 7.72 -28.02
C PRO D 25 1.91 8.86 -28.75
N GLU D 26 2.21 9.03 -30.03
CA GLU D 26 1.61 10.10 -30.80
C GLU D 26 0.10 9.91 -30.90
N ALA D 27 -0.30 8.67 -31.19
CA ALA D 27 -1.72 8.32 -31.31
C ALA D 27 -2.43 8.47 -29.94
N ILE D 28 -1.74 8.11 -28.86
CA ILE D 28 -2.25 8.35 -27.50
C ILE D 28 -2.45 9.86 -27.24
N ALA D 29 -1.43 10.65 -27.55
CA ALA D 29 -1.52 12.10 -27.42
C ALA D 29 -2.73 12.68 -28.18
N ASP D 30 -2.96 12.18 -29.40
CA ASP D 30 -4.06 12.66 -30.22
C ASP D 30 -5.41 12.24 -29.61
N ALA D 31 -5.45 11.04 -29.04
CA ALA D 31 -6.63 10.57 -28.32
C ALA D 31 -6.96 11.47 -27.11
N CYS D 32 -5.97 11.77 -26.28
CA CYS D 32 -6.18 12.64 -25.11
C CYS D 32 -6.63 14.05 -25.51
N LEU D 33 -5.97 14.64 -26.51
CA LEU D 33 -6.35 15.96 -26.95
C LEU D 33 -7.70 15.97 -27.66
N SER D 34 -8.08 14.90 -28.33
CA SER D 34 -9.40 14.81 -28.99
C SER D 34 -10.49 14.73 -27.94
N ILE D 35 -10.23 13.94 -26.90
CA ILE D 35 -11.10 13.89 -25.73
C ILE D 35 -11.24 15.29 -25.15
N ALA D 36 -10.10 15.94 -24.90
CA ALA D 36 -10.03 17.27 -24.29
C ALA D 36 -10.74 18.36 -25.06
N TYR D 37 -10.67 18.32 -26.39
CA TYR D 37 -11.16 19.41 -27.23
C TYR D 37 -12.58 19.16 -27.76
N TYR D 38 -12.97 17.89 -27.93
CA TYR D 38 -14.22 17.56 -28.67
C TYR D 38 -15.28 16.72 -27.96
N GLU D 39 -14.98 16.10 -26.81
CA GLU D 39 -16.01 15.32 -26.08
C GLU D 39 -16.65 16.17 -24.99
N ASP D 40 -17.99 16.11 -24.91
CA ASP D 40 -18.81 16.92 -23.98
C ASP D 40 -19.20 16.20 -22.70
N ASP D 41 -18.94 14.89 -22.66
CA ASP D 41 -19.38 13.98 -21.60
C ASP D 41 -18.28 13.86 -20.53
N TRP D 42 -18.42 14.64 -19.45
CA TRP D 42 -17.38 14.73 -18.41
C TRP D 42 -16.96 13.37 -17.86
N GLU D 43 -17.95 12.60 -17.39
CA GLU D 43 -17.70 11.31 -16.77
C GLU D 43 -17.01 10.35 -17.72
N TRP D 44 -17.53 10.23 -18.94
CA TRP D 44 -16.90 9.33 -19.94
C TRP D 44 -15.46 9.72 -20.24
N ALA D 45 -15.23 11.02 -20.34
CA ALA D 45 -13.93 11.57 -20.72
C ALA D 45 -12.88 11.55 -19.57
N PHE D 46 -13.36 11.90 -18.36
CA PHE D 46 -12.51 12.04 -17.17
C PHE D 46 -11.96 10.69 -16.79
N LYS D 47 -12.82 9.69 -16.87
CA LYS D 47 -12.44 8.30 -16.65
C LYS D 47 -11.23 7.92 -17.53
N ARG D 48 -11.28 8.28 -18.80
CA ARG D 48 -10.19 7.87 -19.71
C ARG D 48 -8.86 8.62 -19.50
N LEU D 49 -8.94 9.93 -19.28
CA LEU D 49 -7.74 10.73 -19.04
C LEU D 49 -7.00 10.30 -17.77
N LYS D 50 -7.76 10.05 -16.71
CA LYS D 50 -7.22 9.53 -15.46
C LYS D 50 -6.49 8.21 -15.67
N SER D 51 -7.06 7.34 -16.49
CA SER D 51 -6.49 6.01 -16.68
C SER D 51 -5.09 6.07 -17.34
N VAL D 52 -4.86 7.09 -18.19
CA VAL D 52 -3.53 7.36 -18.75
C VAL D 52 -2.61 8.02 -17.74
N ALA D 53 -3.12 9.04 -17.07
CA ALA D 53 -2.38 9.78 -16.06
C ALA D 53 -1.84 8.88 -14.93
N PHE D 54 -2.61 7.87 -14.53
CA PHE D 54 -2.22 6.96 -13.44
C PHE D 54 -1.43 5.70 -13.90
N ASP D 55 -1.25 5.54 -15.21
CA ASP D 55 -0.69 4.32 -15.76
C ASP D 55 0.83 4.44 -15.72
N LEU D 56 1.43 3.64 -14.85
CA LEU D 56 2.86 3.67 -14.62
C LEU D 56 3.67 3.13 -15.80
N ASN D 57 3.04 2.35 -16.68
CA ASN D 57 3.69 1.85 -17.90
C ASN D 57 3.71 2.88 -19.04
N ARG D 58 2.99 3.98 -18.89
CA ARG D 58 3.12 5.11 -19.82
C ARG D 58 4.26 6.05 -19.45
N PRO D 59 4.94 6.63 -20.48
CA PRO D 59 6.00 7.59 -20.20
C PRO D 59 5.46 8.90 -19.62
N ASP D 60 6.32 9.61 -18.90
CA ASP D 60 5.96 10.85 -18.21
C ASP D 60 5.25 11.88 -19.10
N SER D 61 5.68 12.00 -20.35
CA SER D 61 5.11 12.97 -21.28
C SER D 61 3.62 12.76 -21.49
N LEU D 62 3.20 11.52 -21.64
CA LEU D 62 1.81 11.18 -21.88
C LEU D 62 0.94 11.33 -20.65
N ARG D 63 1.53 11.09 -19.50
CA ARG D 63 0.82 11.26 -18.25
C ARG D 63 0.66 12.73 -17.98
N SER D 64 1.73 13.51 -18.16
CA SER D 64 1.62 14.93 -17.94
C SER D 64 0.55 15.52 -18.88
N LEU D 65 0.58 15.13 -20.14
CA LEU D 65 -0.38 15.61 -21.10
C LEU D 65 -1.81 15.25 -20.71
N ALA D 66 -1.99 14.03 -20.18
CA ALA D 66 -3.34 13.60 -19.76
C ALA D 66 -3.93 14.51 -18.69
N VAL D 67 -3.09 14.92 -17.75
CA VAL D 67 -3.48 15.87 -16.72
C VAL D 67 -3.78 17.24 -17.32
N THR D 68 -2.93 17.71 -18.25
CA THR D 68 -3.18 18.96 -18.96
C THR D 68 -4.56 18.91 -19.64
N CYS D 69 -4.86 17.75 -20.21
CA CYS D 69 -6.13 17.53 -20.85
C CYS D 69 -7.33 17.62 -19.89
N VAL D 70 -7.13 17.29 -18.62
CA VAL D 70 -8.18 17.42 -17.59
C VAL D 70 -8.46 18.89 -17.34
N GLY D 71 -7.42 19.70 -17.38
CA GLY D 71 -7.57 21.15 -17.30
C GLY D 71 -8.47 21.65 -18.42
N HIS D 72 -8.30 21.10 -19.61
CA HIS D 72 -9.10 21.51 -20.77
C HIS D 72 -10.57 21.10 -20.62
N LEU D 73 -10.82 19.87 -20.20
CA LEU D 73 -12.18 19.45 -19.93
C LEU D 73 -12.82 20.36 -18.90
N ALA D 74 -12.06 20.65 -17.84
CA ALA D 74 -12.59 21.49 -16.78
C ALA D 74 -12.95 22.85 -17.33
N ARG D 75 -12.07 23.39 -18.18
CA ARG D 75 -12.29 24.67 -18.83
C ARG D 75 -13.59 24.69 -19.68
N ARG D 76 -13.85 23.59 -20.39
CA ARG D 76 -14.91 23.54 -21.39
C ARG D 76 -16.25 23.11 -20.87
N ILE D 77 -16.30 22.31 -19.81
CA ILE D 77 -17.51 21.56 -19.49
C ILE D 77 -18.21 22.12 -18.26
N HIS D 78 -19.42 22.63 -18.48
N HIS D 78 -19.41 22.67 -18.46
CA HIS D 78 -20.17 23.34 -17.46
CA HIS D 78 -20.14 23.34 -17.38
C HIS D 78 -20.63 22.44 -16.31
C HIS D 78 -20.50 22.38 -16.27
N ASP D 79 -20.88 21.16 -16.62
CA ASP D 79 -21.42 20.20 -15.65
C ASP D 79 -20.43 19.16 -15.17
N LEU D 80 -19.15 19.52 -15.07
CA LEU D 80 -18.18 18.61 -14.47
C LEU D 80 -18.50 18.43 -12.99
N ASP D 81 -17.93 17.39 -12.42
CA ASP D 81 -17.97 17.16 -10.98
C ASP D 81 -16.74 17.86 -10.39
N VAL D 82 -16.95 19.06 -9.85
CA VAL D 82 -15.82 19.90 -9.42
C VAL D 82 -14.98 19.21 -8.37
N ALA D 83 -15.65 18.68 -7.35
CA ALA D 83 -14.98 18.03 -6.24
C ALA D 83 -14.06 16.89 -6.69
N ALA D 85 -12.82 16.44 -9.81
CA ALA D 85 -11.73 17.12 -10.53
C ALA D 85 -10.67 17.67 -9.55
N GLU D 86 -11.13 18.31 -8.47
CA GLU D 86 -10.21 18.92 -7.52
C GLU D 86 -9.39 17.90 -6.70
N GLU D 87 -10.03 16.85 -6.19
N GLU D 87 -10.03 16.85 -6.20
CA GLU D 87 -9.32 15.80 -5.47
CA GLU D 87 -9.33 15.77 -5.48
C GLU D 87 -8.30 15.10 -6.36
C GLU D 87 -8.30 15.11 -6.37
N PHE D 88 -8.68 14.84 -7.61
CA PHE D 88 -7.80 14.25 -8.58
C PHE D 88 -6.52 15.09 -8.77
N LEU D 89 -6.69 16.37 -9.06
CA LEU D 89 -5.53 17.24 -9.31
C LEU D 89 -4.67 17.49 -8.07
N LEU D 90 -5.30 17.67 -6.90
CA LEU D 90 -4.55 17.82 -5.64
C LEU D 90 -3.85 16.54 -5.18
N SER D 91 -4.33 15.38 -5.63
CA SER D 91 -3.71 14.10 -5.26
C SER D 91 -2.39 13.90 -5.95
N LEU D 92 -2.20 14.60 -7.07
CA LEU D 92 -0.98 14.49 -7.87
C LEU D 92 0.17 15.38 -7.43
N GLY D 93 -0.08 16.27 -6.45
CA GLY D 93 0.88 17.26 -5.97
C GLY D 93 2.29 16.74 -5.65
N GLY D 94 2.37 15.50 -5.22
CA GLY D 94 3.65 14.87 -4.90
C GLY D 94 4.30 14.03 -5.98
N ASP D 95 3.78 14.07 -7.22
CA ASP D 95 4.33 13.27 -8.33
C ASP D 95 4.95 14.20 -9.39
N GLN D 96 6.28 14.34 -9.33
CA GLN D 96 6.99 15.39 -10.08
C GLN D 96 6.86 15.32 -11.62
N ALA D 97 6.69 14.11 -12.15
CA ALA D 97 6.37 13.91 -13.57
C ALA D 97 5.14 14.69 -14.08
N VAL D 98 4.11 14.85 -13.23
CA VAL D 98 2.89 15.57 -13.63
C VAL D 98 2.58 16.78 -12.74
N ALA D 99 3.51 17.16 -11.88
CA ALA D 99 3.30 18.25 -10.94
C ALA D 99 3.05 19.59 -11.61
N SER D 100 3.77 19.82 -12.69
CA SER D 100 3.66 21.08 -13.39
C SER D 100 2.31 21.18 -14.11
N ALA D 101 1.88 20.11 -14.78
CA ALA D 101 0.60 20.11 -15.49
C ALA D 101 -0.62 20.15 -14.53
N ALA D 102 -0.52 19.43 -13.41
CA ALA D 102 -1.48 19.48 -12.29
C ALA D 102 -1.77 20.91 -11.84
N SER D 103 -0.70 21.67 -11.66
CA SER D 103 -0.76 23.03 -11.25
C SER D 103 -1.48 23.91 -12.27
N ASP D 104 -1.18 23.68 -13.54
CA ASP D 104 -1.83 24.38 -14.64
C ASP D 104 -3.30 23.98 -14.79
N ALA D 105 -3.58 22.68 -14.69
CA ALA D 105 -4.95 22.17 -14.75
C ALA D 105 -5.77 22.69 -13.57
N LEU D 106 -5.12 22.85 -12.43
CA LEU D 106 -5.77 23.46 -11.27
C LEU D 106 -6.10 24.93 -11.52
N ASP D 107 -5.20 25.65 -12.19
CA ASP D 107 -5.53 27.03 -12.63
C ASP D 107 -6.76 27.06 -13.51
N ASP D 108 -6.84 26.09 -14.42
CA ASP D 108 -7.95 26.00 -15.34
C ASP D 108 -9.25 25.73 -14.60
N LEU D 109 -9.20 24.83 -13.62
CA LEU D 109 -10.37 24.49 -12.83
C LEU D 109 -10.89 25.70 -12.01
N ARG D 110 -9.97 26.49 -11.48
CA ARG D 110 -10.32 27.62 -10.60
C ARG D 110 -10.89 28.82 -11.33
N ILE D 111 -10.29 29.16 -12.45
CA ILE D 111 -10.71 30.30 -13.25
C ILE D 111 -12.07 30.03 -13.88
N PHE D 112 -12.28 28.81 -14.36
CA PHE D 112 -13.49 28.52 -15.12
C PHE D 112 -14.65 27.93 -14.31
N ARG D 113 -14.36 27.24 -13.20
CA ARG D 113 -15.39 26.51 -12.46
C ARG D 113 -15.43 26.72 -10.95
N SER D 115 -15.00 29.99 -9.76
CA SER D 115 -14.92 31.45 -9.81
C SER D 115 -15.86 32.08 -8.77
N ASP D 116 -16.79 31.27 -8.23
CA ASP D 116 -17.50 31.58 -6.99
C ASP D 116 -17.64 30.32 -6.13
N GLY E 3 8.62 -33.76 -7.11
CA GLY E 3 8.60 -33.00 -5.81
C GLY E 3 8.85 -33.89 -4.60
N PRO E 4 8.69 -33.33 -3.38
CA PRO E 4 8.76 -34.10 -2.12
C PRO E 4 7.66 -35.15 -1.98
N SER E 5 7.93 -36.17 -1.16
CA SER E 5 6.94 -37.22 -0.87
C SER E 5 5.83 -36.72 0.08
N ASN E 6 6.21 -36.08 1.18
CA ASN E 6 5.26 -35.69 2.23
C ASN E 6 5.16 -34.16 2.41
N GLY E 7 4.70 -33.49 1.34
CA GLY E 7 4.69 -32.01 1.26
C GLY E 7 4.06 -31.24 2.42
N GLN E 8 2.83 -31.62 2.77
CA GLN E 8 2.05 -30.86 3.76
C GLN E 8 2.69 -30.88 5.16
N SER E 9 2.98 -32.07 5.69
CA SER E 9 3.54 -32.22 7.05
C SER E 9 4.99 -31.74 7.18
N VAL E 10 5.77 -31.94 6.13
CA VAL E 10 7.15 -31.44 6.04
C VAL E 10 7.18 -29.89 6.02
N LEU E 11 6.23 -29.28 5.30
CA LEU E 11 6.05 -27.82 5.31
C LEU E 11 5.68 -27.29 6.70
N GLU E 12 4.72 -27.93 7.36
CA GLU E 12 4.27 -27.51 8.70
C GLU E 12 5.41 -27.55 9.73
N ASN E 13 6.24 -28.59 9.69
CA ASN E 13 7.40 -28.69 10.58
C ASN E 13 8.67 -28.03 9.99
N SER E 14 8.52 -27.05 9.09
CA SER E 14 9.67 -26.35 8.47
C SER E 14 10.03 -25.08 9.24
N VAL E 15 11.18 -24.49 8.91
CA VAL E 15 11.66 -23.26 9.57
C VAL E 15 12.13 -22.20 8.54
N GLN E 16 11.79 -20.94 8.80
CA GLN E 16 12.21 -19.84 7.95
C GLN E 16 13.71 -19.70 8.07
N VAL E 17 14.39 -19.50 6.95
CA VAL E 17 15.85 -19.46 6.94
C VAL E 17 16.34 -18.11 7.46
N LYS E 18 15.71 -17.03 6.98
CA LYS E 18 16.06 -15.66 7.36
C LYS E 18 14.77 -14.86 7.44
N GLU E 19 14.66 -13.96 8.40
CA GLU E 19 13.45 -13.12 8.54
C GLU E 19 13.23 -12.14 7.38
N THR E 20 14.27 -11.86 6.59
CA THR E 20 14.16 -11.03 5.37
C THR E 20 13.55 -11.77 4.17
N SER E 21 13.38 -13.09 4.27
CA SER E 21 12.83 -13.90 3.17
C SER E 21 11.87 -14.96 3.66
N PRO E 22 10.74 -15.15 2.95
CA PRO E 22 9.83 -16.24 3.29
C PRO E 22 10.37 -17.65 3.00
N ARG E 23 11.52 -17.76 2.33
CA ARG E 23 12.13 -19.08 2.08
C ARG E 23 12.34 -19.87 3.37
N ARG E 24 11.79 -21.09 3.38
CA ARG E 24 11.90 -22.01 4.49
C ARG E 24 12.65 -23.26 4.09
N VAL E 25 13.01 -24.06 5.10
CA VAL E 25 13.72 -25.34 4.92
C VAL E 25 13.29 -26.37 5.97
N SER E 26 13.24 -27.64 5.58
CA SER E 26 12.89 -28.75 6.49
C SER E 26 13.64 -30.04 6.11
N VAL E 27 13.42 -31.11 6.87
CA VAL E 27 13.91 -32.45 6.52
C VAL E 27 12.80 -33.48 6.75
N ASP E 28 12.62 -34.38 5.80
CA ASP E 28 11.56 -35.39 5.88
C ASP E 28 11.99 -36.45 6.92
N PRO E 29 11.25 -36.58 8.05
CA PRO E 29 11.65 -37.61 9.03
C PRO E 29 11.60 -39.02 8.43
N GLN E 30 10.57 -39.28 7.61
CA GLN E 30 10.44 -40.55 6.92
C GLN E 30 11.52 -40.78 5.86
N THR E 31 11.45 -40.11 4.71
CA THR E 31 12.35 -40.39 3.58
C THR E 31 13.77 -39.79 3.71
N GLY E 32 13.99 -38.90 4.67
CA GLY E 32 15.34 -38.36 4.93
C GLY E 32 15.85 -37.27 3.98
N GLU E 33 15.03 -36.88 3.01
CA GLU E 33 15.41 -35.86 2.02
C GLU E 33 15.36 -34.44 2.62
N PHE E 34 16.19 -33.53 2.09
CA PHE E 34 16.17 -32.12 2.48
C PHE E 34 15.32 -31.35 1.48
N VAL E 35 14.45 -30.47 2.01
CA VAL E 35 13.41 -29.77 1.22
C VAL E 35 13.42 -28.25 1.40
N VAL E 36 13.42 -27.53 0.28
CA VAL E 36 13.34 -26.06 0.24
C VAL E 36 11.94 -25.64 -0.22
N PHE E 37 11.34 -24.71 0.54
CA PHE E 37 10.00 -24.22 0.29
C PHE E 37 10.01 -22.74 0.02
N ASP E 38 9.22 -22.31 -0.97
CA ASP E 38 9.11 -20.89 -1.32
C ASP E 38 7.65 -20.50 -1.40
N ARG E 39 7.37 -19.23 -1.13
CA ARG E 39 6.02 -18.75 -1.16
C ARG E 39 5.49 -18.69 -2.59
N THR E 40 4.26 -19.14 -2.76
CA THR E 40 3.56 -18.98 -4.01
C THR E 40 2.78 -17.67 -3.91
N LEU E 41 1.79 -17.65 -3.02
CA LEU E 41 0.90 -16.52 -2.76
C LEU E 41 0.28 -16.81 -1.39
N GLY E 42 0.08 -15.75 -0.59
CA GLY E 42 -0.49 -15.88 0.76
C GLY E 42 0.29 -16.84 1.63
N ASP E 43 -0.40 -17.83 2.21
CA ASP E 43 0.23 -18.88 3.01
C ASP E 43 0.55 -20.13 2.17
N VAL E 44 0.29 -20.11 0.86
CA VAL E 44 0.58 -21.26 -0.02
C VAL E 44 2.05 -21.31 -0.42
N TYR E 45 2.63 -22.51 -0.41
CA TYR E 45 4.05 -22.73 -0.69
C TYR E 45 4.24 -23.90 -1.68
N HIS E 46 5.30 -23.81 -2.50
CA HIS E 46 5.79 -24.93 -3.34
C HIS E 46 7.17 -25.37 -2.86
N GLY E 47 7.63 -26.52 -3.32
CA GLY E 47 8.90 -27.03 -2.83
C GLY E 47 9.65 -27.97 -3.74
N HIS E 48 10.95 -28.12 -3.43
CA HIS E 48 11.82 -29.01 -4.19
C HIS E 48 12.81 -29.71 -3.28
N VAL E 49 13.31 -30.85 -3.75
CA VAL E 49 14.30 -31.65 -3.02
C VAL E 49 15.73 -31.15 -3.29
N ARG E 50 16.56 -31.14 -2.27
CA ARG E 50 17.98 -30.83 -2.45
C ARG E 50 18.92 -31.82 -1.76
N ALA E 51 20.14 -31.92 -2.27
CA ALA E 51 21.23 -32.67 -1.64
C ALA E 51 21.97 -31.79 -0.62
N TRP E 52 22.35 -32.37 0.52
CA TRP E 52 23.03 -31.63 1.60
C TRP E 52 24.03 -30.55 1.16
N LYS E 53 24.90 -30.88 0.21
CA LYS E 53 25.96 -29.95 -0.26
C LYS E 53 25.40 -28.76 -1.08
N ASP E 54 24.20 -28.93 -1.64
CA ASP E 54 23.47 -27.87 -2.36
C ASP E 54 22.72 -26.85 -1.47
N LEU E 55 22.67 -27.07 -0.16
CA LEU E 55 22.09 -26.10 0.78
C LEU E 55 23.17 -25.10 1.15
N THR E 56 22.77 -23.87 1.49
CA THR E 56 23.74 -22.84 1.87
C THR E 56 24.10 -23.00 3.35
N SER E 57 25.07 -22.21 3.80
CA SER E 57 25.45 -22.17 5.22
C SER E 57 24.23 -21.84 6.08
N ASP E 58 23.53 -20.76 5.73
CA ASP E 58 22.32 -20.32 6.45
C ASP E 58 21.28 -21.44 6.57
N GLN E 60 21.78 -24.82 6.28
CA GLN E 60 22.31 -25.89 7.13
C GLN E 60 22.35 -25.46 8.60
N ASN E 61 22.83 -24.24 8.87
CA ASN E 61 22.85 -23.69 10.23
C ASN E 61 21.47 -23.78 10.86
N ALA E 62 20.50 -23.20 10.16
CA ALA E 62 19.09 -23.18 10.60
C ALA E 62 18.46 -24.57 10.71
N LEU E 63 18.98 -25.56 9.97
CA LEU E 63 18.59 -26.97 10.17
C LEU E 63 19.15 -27.58 11.48
N VAL E 64 20.48 -27.71 11.58
CA VAL E 64 21.13 -28.37 12.74
C VAL E 64 20.69 -27.70 14.04
N ARG E 65 20.75 -26.36 14.04
CA ARG E 65 20.37 -25.55 15.20
C ARG E 65 18.88 -25.65 15.55
N GLY E 66 18.04 -25.87 14.53
CA GLY E 66 16.61 -26.13 14.74
C GLY E 66 16.30 -27.43 15.45
N GLY E 67 17.27 -28.35 15.49
CA GLY E 67 17.08 -29.69 16.05
C GLY E 67 16.55 -30.65 15.00
N TYR E 68 16.98 -30.47 13.75
CA TYR E 68 16.49 -31.23 12.60
C TYR E 68 17.50 -32.26 12.06
N VAL E 69 18.80 -31.96 12.15
CA VAL E 69 19.85 -32.88 11.70
C VAL E 69 21.06 -32.89 12.67
N ASP E 70 21.63 -34.08 12.84
CA ASP E 70 22.92 -34.27 13.52
C ASP E 70 24.09 -33.56 12.80
N ARG E 71 24.39 -33.99 11.56
CA ARG E 71 25.37 -33.34 10.68
C ARG E 71 25.37 -34.00 9.29
N ARG F 2 24.74 14.08 28.46
CA ARG F 2 23.49 13.35 28.03
C ARG F 2 23.68 11.82 28.09
N GLY F 3 22.65 11.11 28.49
CA GLY F 3 22.70 9.65 28.60
C GLY F 3 22.84 9.29 30.07
N PRO F 4 22.03 8.33 30.56
CA PRO F 4 22.04 7.92 31.97
C PRO F 4 23.41 7.60 32.55
N SER F 5 23.63 7.98 33.81
CA SER F 5 24.91 7.79 34.47
C SER F 5 25.24 6.32 34.72
N ASN F 6 24.28 5.57 35.26
CA ASN F 6 24.48 4.16 35.63
C ASN F 6 23.39 3.32 34.99
N GLY F 7 23.46 3.17 33.68
CA GLY F 7 22.35 2.65 32.89
C GLY F 7 21.88 1.25 33.27
N GLN F 8 22.80 0.30 33.36
CA GLN F 8 22.46 -1.09 33.65
C GLN F 8 21.86 -1.21 35.05
N SER F 9 22.60 -0.68 36.02
CA SER F 9 22.23 -0.69 37.43
C SER F 9 20.82 -0.11 37.61
N VAL F 10 20.64 1.14 37.17
CA VAL F 10 19.38 1.84 37.33
C VAL F 10 18.22 1.13 36.60
N LEU F 11 18.50 0.48 35.47
CA LEU F 11 17.50 -0.30 34.75
C LEU F 11 17.02 -1.51 35.55
N GLU F 12 17.95 -2.19 36.21
CA GLU F 12 17.66 -3.40 36.99
C GLU F 12 16.64 -3.15 38.10
N ASN F 13 16.64 -1.94 38.68
CA ASN F 13 15.64 -1.53 39.68
C ASN F 13 14.52 -0.64 39.13
N SER F 14 14.29 -0.67 37.83
CA SER F 14 13.29 0.21 37.22
C SER F 14 11.93 -0.43 37.29
N VAL F 15 10.88 0.37 37.17
CA VAL F 15 9.51 -0.14 37.18
C VAL F 15 8.71 0.22 35.92
N GLN F 16 7.86 -0.71 35.52
CA GLN F 16 7.03 -0.58 34.34
C GLN F 16 5.96 0.45 34.66
N VAL F 17 5.66 1.35 33.72
CA VAL F 17 4.71 2.42 34.02
C VAL F 17 3.29 1.87 33.98
N LYS F 18 3.03 0.98 33.01
CA LYS F 18 1.72 0.39 32.81
C LYS F 18 1.89 -0.96 32.09
N GLU F 19 0.96 -1.89 32.31
CA GLU F 19 1.08 -3.25 31.77
C GLU F 19 1.15 -3.23 30.24
N THR F 20 0.39 -2.33 29.63
CA THR F 20 0.28 -2.23 28.17
C THR F 20 1.53 -1.71 27.42
N SER F 21 2.56 -1.24 28.12
CA SER F 21 3.81 -0.85 27.47
C SER F 21 5.03 -1.32 28.24
N PRO F 22 6.07 -1.73 27.50
CA PRO F 22 7.34 -2.08 28.17
C PRO F 22 8.10 -0.89 28.74
N ARG F 23 7.65 0.35 28.49
CA ARG F 23 8.35 1.54 28.99
C ARG F 23 8.52 1.48 30.50
N ARG F 24 9.70 1.86 30.98
CA ARG F 24 10.01 1.79 32.39
C ARG F 24 10.53 3.12 32.89
N VAL F 25 10.54 3.27 34.22
CA VAL F 25 11.01 4.49 34.85
C VAL F 25 11.74 4.14 36.13
N SER F 26 12.66 5.01 36.54
CA SER F 26 13.51 4.76 37.71
C SER F 26 14.12 6.04 38.22
N VAL F 27 14.88 5.94 39.29
CA VAL F 27 15.61 7.09 39.81
C VAL F 27 17.01 6.61 40.15
N ASP F 28 18.02 7.41 39.83
CA ASP F 28 19.40 7.03 40.08
C ASP F 28 19.70 7.37 41.53
N PRO F 29 19.90 6.34 42.38
CA PRO F 29 20.20 6.64 43.78
C PRO F 29 21.52 7.38 43.97
N GLN F 30 22.45 7.23 43.03
CA GLN F 30 23.72 7.98 43.07
C GLN F 30 23.53 9.47 42.77
N THR F 31 22.84 9.81 41.68
CA THR F 31 22.82 11.18 41.14
C THR F 31 21.54 11.97 41.32
N GLY F 32 20.45 11.30 41.73
CA GLY F 32 19.14 11.93 41.86
C GLY F 32 18.36 12.07 40.57
N GLU F 33 18.89 11.54 39.47
CA GLU F 33 18.29 11.76 38.14
C GLU F 33 17.20 10.72 37.85
N PHE F 34 16.18 11.15 37.10
CA PHE F 34 15.09 10.30 36.69
C PHE F 34 15.34 9.80 35.27
N VAL F 35 15.24 8.49 35.09
CA VAL F 35 15.59 7.88 33.82
C VAL F 35 14.40 7.14 33.29
N VAL F 36 14.09 7.34 32.02
CA VAL F 36 13.05 6.60 31.31
C VAL F 36 13.70 5.65 30.32
N PHE F 37 13.23 4.40 30.30
CA PHE F 37 13.79 3.36 29.47
C PHE F 37 12.79 2.86 28.47
N ASP F 38 13.25 2.60 27.25
CA ASP F 38 12.40 2.06 26.20
C ASP F 38 13.00 0.84 25.63
N ARG F 39 12.16 -0.07 25.16
CA ARG F 39 12.61 -1.30 24.57
C ARG F 39 13.38 -0.99 23.32
N THR F 40 14.49 -1.69 23.12
CA THR F 40 15.20 -1.62 21.87
C THR F 40 14.73 -2.80 21.03
N LEU F 41 15.26 -3.98 21.31
CA LEU F 41 14.77 -5.25 20.75
C LEU F 41 14.94 -6.32 21.80
N GLY F 42 13.96 -7.19 21.94
CA GLY F 42 13.93 -8.25 22.96
C GLY F 42 14.17 -7.75 24.39
N ASP F 43 15.29 -8.20 24.96
CA ASP F 43 15.64 -7.88 26.34
C ASP F 43 16.51 -6.64 26.46
N VAL F 44 16.82 -6.00 25.32
CA VAL F 44 17.65 -4.81 25.32
C VAL F 44 16.81 -3.56 25.40
N TYR F 45 17.29 -2.59 26.19
CA TYR F 45 16.67 -1.29 26.37
C TYR F 45 17.67 -0.15 26.19
N HIS F 46 17.15 1.02 25.86
CA HIS F 46 17.90 2.28 25.86
C HIS F 46 17.16 3.19 26.79
N GLY F 47 17.76 4.35 27.07
CA GLY F 47 17.16 5.28 28.00
C GLY F 47 17.66 6.70 27.88
N HIS F 48 17.01 7.58 28.63
CA HIS F 48 17.33 8.98 28.64
C HIS F 48 16.89 9.62 29.94
N VAL F 49 17.42 10.80 30.21
CA VAL F 49 17.20 11.50 31.46
C VAL F 49 16.12 12.55 31.31
N ARG F 50 15.32 12.69 32.35
CA ARG F 50 14.30 13.71 32.41
C ARG F 50 14.33 14.39 33.76
N ALA F 51 13.87 15.63 33.76
CA ALA F 51 13.54 16.34 34.97
C ALA F 51 12.16 15.88 35.43
N TRP F 52 11.92 15.95 36.74
CA TRP F 52 10.65 15.54 37.34
C TRP F 52 9.46 16.10 36.58
N LYS F 53 9.50 17.39 36.26
CA LYS F 53 8.36 18.03 35.58
C LYS F 53 8.04 17.50 34.16
N ASP F 54 8.97 16.79 33.53
CA ASP F 54 8.71 16.20 32.21
C ASP F 54 8.35 14.71 32.26
N LEU F 55 8.03 14.18 33.43
CA LEU F 55 7.45 12.85 33.53
C LEU F 55 5.94 12.97 33.40
N THR F 56 5.29 11.99 32.76
CA THR F 56 3.82 11.94 32.71
C THR F 56 3.32 11.65 34.13
N SER F 57 2.03 11.92 34.38
CA SER F 57 1.51 11.69 35.71
C SER F 57 1.59 10.19 36.06
N ASP F 58 1.39 9.31 35.06
CA ASP F 58 1.47 7.86 35.27
C ASP F 58 2.85 7.47 35.72
N GLN F 60 5.09 9.49 37.18
CA GLN F 60 5.25 9.98 38.55
C GLN F 60 4.58 9.02 39.53
N ASN F 61 3.31 8.69 39.27
CA ASN F 61 2.55 7.75 40.12
C ASN F 61 3.27 6.41 40.32
N ALA F 62 3.92 5.91 39.27
CA ALA F 62 4.69 4.67 39.40
C ALA F 62 5.84 4.82 40.41
N LEU F 63 6.47 5.99 40.43
CA LEU F 63 7.55 6.23 41.36
C LEU F 63 7.10 6.48 42.79
N VAL F 64 5.95 7.12 43.01
CA VAL F 64 5.42 7.29 44.38
C VAL F 64 4.91 5.94 44.89
N ARG F 65 4.08 5.27 44.10
CA ARG F 65 3.53 3.94 44.45
C ARG F 65 4.63 2.96 44.85
N GLY F 66 5.75 2.99 44.13
CA GLY F 66 6.89 2.13 44.44
C GLY F 66 7.70 2.55 45.66
N GLY F 67 7.45 3.74 46.19
CA GLY F 67 8.13 4.25 47.37
C GLY F 67 9.51 4.82 47.10
N TYR F 68 9.81 5.12 45.82
CA TYR F 68 11.12 5.63 45.40
C TYR F 68 11.29 7.13 45.67
N VAL F 69 10.20 7.90 45.56
CA VAL F 69 10.15 9.33 45.91
C VAL F 69 8.82 9.73 46.53
N ASP F 70 8.79 10.89 47.20
CA ASP F 70 7.51 11.48 47.68
C ASP F 70 6.76 12.19 46.53
N ARG F 71 5.59 12.77 46.79
CA ARG F 71 4.74 13.34 45.71
C ARG F 71 5.30 14.62 45.03
N LYS F 72 6.25 15.31 45.66
CA LYS F 72 6.94 16.46 45.03
C LYS F 72 8.22 16.10 44.22
N GLY F 73 8.69 14.85 44.31
CA GLY F 73 9.85 14.37 43.54
C GLY F 73 11.13 14.09 44.33
N ASN F 74 11.10 14.29 45.65
CA ASN F 74 12.28 14.12 46.50
C ASN F 74 12.36 12.67 46.99
N PRO F 75 13.57 12.12 47.18
CA PRO F 75 13.69 10.75 47.72
C PRO F 75 13.82 10.72 49.25
N ARG G 2 -22.76 -12.18 -10.55
CA ARG G 2 -22.30 -11.80 -9.19
C ARG G 2 -23.07 -10.59 -8.66
N GLY G 3 -23.26 -10.54 -7.35
CA GLY G 3 -23.97 -9.41 -6.72
C GLY G 3 -25.47 -9.68 -6.69
N PRO G 4 -26.12 -9.42 -5.55
CA PRO G 4 -27.54 -9.78 -5.41
C PRO G 4 -28.46 -9.20 -6.48
N SER G 5 -29.45 -10.01 -6.87
CA SER G 5 -30.29 -9.75 -8.04
C SER G 5 -31.31 -8.63 -7.81
N ASN G 6 -31.75 -8.47 -6.56
CA ASN G 6 -32.78 -7.48 -6.21
C ASN G 6 -32.41 -6.86 -4.88
N GLY G 7 -31.27 -6.19 -4.86
CA GLY G 7 -30.65 -5.79 -3.62
C GLY G 7 -31.52 -4.92 -2.74
N GLN G 8 -32.14 -3.90 -3.33
CA GLN G 8 -32.95 -2.95 -2.58
C GLN G 8 -34.17 -3.62 -1.92
N SER G 9 -34.99 -4.32 -2.70
CA SER G 9 -36.18 -4.96 -2.16
C SER G 9 -35.86 -6.03 -1.11
N VAL G 10 -34.83 -6.82 -1.40
CA VAL G 10 -34.38 -7.87 -0.49
C VAL G 10 -33.80 -7.28 0.81
N LEU G 11 -33.12 -6.14 0.71
CA LEU G 11 -32.64 -5.43 1.92
C LEU G 11 -33.78 -4.95 2.82
N GLU G 12 -34.87 -4.50 2.19
CA GLU G 12 -36.00 -3.90 2.88
C GLU G 12 -36.71 -4.90 3.79
N ASN G 13 -36.92 -6.13 3.31
CA ASN G 13 -37.44 -7.21 4.13
C ASN G 13 -36.29 -8.16 4.53
N SER G 14 -35.24 -7.62 5.14
CA SER G 14 -34.08 -8.40 5.63
C SER G 14 -34.09 -8.35 7.16
N VAL G 15 -33.37 -9.27 7.81
CA VAL G 15 -33.34 -9.30 9.27
C VAL G 15 -31.93 -9.22 9.86
N GLN G 16 -31.85 -8.53 10.99
CA GLN G 16 -30.61 -8.31 11.72
C GLN G 16 -30.16 -9.57 12.41
N VAL G 17 -28.92 -9.99 12.22
CA VAL G 17 -28.44 -11.25 12.80
C VAL G 17 -28.31 -11.19 14.32
N LYS G 18 -27.72 -10.13 14.87
CA LYS G 18 -27.51 -10.00 16.32
C LYS G 18 -27.53 -8.55 16.69
N GLU G 19 -27.92 -8.24 17.93
CA GLU G 19 -28.03 -6.84 18.34
C GLU G 19 -26.68 -6.10 18.40
N THR G 20 -25.58 -6.84 18.47
CA THR G 20 -24.24 -6.24 18.55
C THR G 20 -23.60 -5.86 17.19
N SER G 21 -24.25 -6.21 16.08
CA SER G 21 -23.75 -5.91 14.74
C SER G 21 -24.89 -5.48 13.80
N PRO G 22 -24.59 -4.56 12.85
CA PRO G 22 -25.61 -4.17 11.87
C PRO G 22 -25.79 -5.17 10.75
N ARG G 23 -24.96 -6.19 10.69
CA ARG G 23 -25.03 -7.18 9.62
C ARG G 23 -26.42 -7.79 9.61
N ARG G 24 -26.99 -7.92 8.40
CA ARG G 24 -28.33 -8.43 8.18
C ARG G 24 -28.29 -9.61 7.22
N VAL G 25 -29.37 -10.39 7.18
CA VAL G 25 -29.53 -11.53 6.27
C VAL G 25 -30.96 -11.63 5.72
N SER G 26 -31.11 -12.22 4.54
CA SER G 26 -32.40 -12.31 3.85
C SER G 26 -32.39 -13.39 2.79
N VAL G 27 -33.54 -13.64 2.20
CA VAL G 27 -33.69 -14.55 1.06
C VAL G 27 -34.35 -13.78 -0.04
N ASP G 28 -33.89 -14.00 -1.28
CA ASP G 28 -34.53 -13.43 -2.44
C ASP G 28 -35.65 -14.41 -2.80
N PRO G 29 -36.94 -13.99 -2.64
CA PRO G 29 -38.04 -14.90 -2.99
C PRO G 29 -38.14 -15.22 -4.49
N GLN G 30 -37.75 -14.28 -5.36
CA GLN G 30 -37.77 -14.51 -6.80
C GLN G 30 -36.68 -15.48 -7.27
N THR G 31 -35.48 -15.39 -6.70
CA THR G 31 -34.34 -16.22 -7.15
C THR G 31 -33.89 -17.36 -6.22
N GLY G 32 -34.33 -17.35 -4.97
CA GLY G 32 -33.93 -18.37 -3.98
C GLY G 32 -32.58 -18.15 -3.31
N GLU G 33 -31.91 -17.06 -3.66
CA GLU G 33 -30.55 -16.83 -3.19
C GLU G 33 -30.58 -16.20 -1.80
N PHE G 34 -29.56 -16.51 -1.00
CA PHE G 34 -29.39 -15.91 0.32
C PHE G 34 -28.41 -14.77 0.23
N VAL G 35 -28.77 -13.64 0.84
CA VAL G 35 -27.98 -12.42 0.77
C VAL G 35 -27.59 -12.00 2.19
N VAL G 36 -26.31 -11.75 2.40
CA VAL G 36 -25.82 -11.13 3.63
C VAL G 36 -25.54 -9.66 3.30
N PHE G 37 -26.01 -8.75 4.15
CA PHE G 37 -25.83 -7.31 3.94
C PHE G 37 -24.96 -6.77 5.05
N ASP G 38 -24.06 -5.85 4.69
CA ASP G 38 -23.25 -5.17 5.66
C ASP G 38 -23.36 -3.70 5.50
N ARG G 39 -23.16 -3.00 6.61
CA ARG G 39 -23.18 -1.55 6.59
C ARG G 39 -21.94 -0.94 5.91
N THR G 40 -22.20 0.07 5.07
CA THR G 40 -21.17 0.89 4.44
C THR G 40 -20.91 2.16 5.26
N LEU G 41 -21.84 3.11 5.20
CA LEU G 41 -21.84 4.35 6.01
C LEU G 41 -23.30 4.80 6.18
N GLY G 42 -23.68 5.17 7.39
CA GLY G 42 -25.04 5.62 7.70
C GLY G 42 -26.09 4.57 7.40
N ASP G 43 -26.97 4.90 6.45
CA ASP G 43 -28.08 4.04 6.07
C ASP G 43 -27.80 3.20 4.83
N VAL G 44 -26.55 3.20 4.36
CA VAL G 44 -26.19 2.52 3.12
C VAL G 44 -25.56 1.17 3.42
N TYR G 45 -26.01 0.16 2.69
CA TYR G 45 -25.54 -1.21 2.87
C TYR G 45 -25.08 -1.77 1.55
N HIS G 46 -24.12 -2.69 1.63
CA HIS G 46 -23.68 -3.52 0.50
C HIS G 46 -24.04 -4.93 0.85
N GLY G 47 -23.89 -5.84 -0.11
CA GLY G 47 -24.19 -7.25 0.08
C GLY G 47 -23.54 -8.19 -0.91
N HIS G 48 -23.70 -9.47 -0.63
CA HIS G 48 -23.19 -10.55 -1.47
C HIS G 48 -24.01 -11.79 -1.18
N VAL G 49 -24.00 -12.70 -2.13
CA VAL G 49 -24.78 -13.94 -2.09
C VAL G 49 -23.94 -15.02 -1.45
N ARG G 50 -24.57 -15.88 -0.65
CA ARG G 50 -23.94 -17.10 -0.08
C ARG G 50 -24.82 -18.31 -0.35
N ALA G 51 -24.18 -19.47 -0.46
CA ALA G 51 -24.90 -20.74 -0.41
C ALA G 51 -25.40 -20.87 1.02
N TRP G 52 -26.46 -21.67 1.19
CA TRP G 52 -26.99 -21.97 2.52
C TRP G 52 -25.90 -22.43 3.50
N LYS G 53 -25.11 -23.41 3.09
CA LYS G 53 -24.08 -23.98 3.96
C LYS G 53 -23.05 -22.94 4.46
N ASP G 54 -22.80 -21.89 3.68
CA ASP G 54 -21.85 -20.84 4.04
C ASP G 54 -22.45 -19.73 4.92
N LEU G 55 -23.69 -19.90 5.37
CA LEU G 55 -24.25 -19.06 6.45
C LEU G 55 -23.82 -19.60 7.84
N THR G 56 -23.57 -18.71 8.81
CA THR G 56 -23.29 -19.10 10.21
C THR G 56 -24.57 -19.62 10.77
N SER G 57 -24.50 -20.31 11.90
CA SER G 57 -25.71 -20.91 12.49
C SER G 57 -26.70 -19.80 12.94
N ASP G 58 -26.17 -18.69 13.44
CA ASP G 58 -27.01 -17.54 13.80
C ASP G 58 -27.78 -17.00 12.60
N GLN G 60 -28.54 -18.70 9.76
CA GLN G 60 -29.56 -19.70 9.47
C GLN G 60 -30.75 -19.58 10.46
N ASN G 61 -30.44 -19.46 11.76
CA ASN G 61 -31.49 -19.32 12.80
C ASN G 61 -32.32 -18.05 12.68
N ALA G 62 -31.72 -16.97 12.21
CA ALA G 62 -32.47 -15.73 11.98
C ALA G 62 -33.54 -15.91 10.92
N LEU G 63 -33.23 -16.70 9.89
CA LEU G 63 -34.15 -16.93 8.78
C LEU G 63 -35.23 -17.95 9.10
N VAL G 64 -34.91 -18.91 9.97
CA VAL G 64 -35.88 -19.87 10.44
C VAL G 64 -36.92 -19.14 11.31
N ARG G 65 -36.44 -18.48 12.36
CA ARG G 65 -37.26 -17.68 13.27
C ARG G 65 -38.10 -16.65 12.52
N GLY G 66 -37.47 -15.93 11.60
CA GLY G 66 -38.17 -14.93 10.78
C GLY G 66 -39.32 -15.52 9.97
N GLY G 67 -39.19 -16.80 9.62
CA GLY G 67 -40.25 -17.55 8.94
C GLY G 67 -40.02 -17.71 7.45
N TYR G 68 -38.88 -17.21 6.98
CA TYR G 68 -38.60 -17.13 5.54
C TYR G 68 -38.17 -18.48 4.98
N VAL G 69 -37.64 -19.35 5.84
CA VAL G 69 -37.32 -20.73 5.47
C VAL G 69 -37.59 -21.73 6.57
N ASP G 70 -37.63 -23.00 6.17
CA ASP G 70 -37.59 -24.15 7.07
C ASP G 70 -36.14 -24.38 7.56
N ARG G 71 -35.90 -25.48 8.27
CA ARG G 71 -34.57 -25.78 8.84
C ARG G 71 -33.51 -26.28 7.85
N LYS G 72 -33.92 -26.74 6.67
CA LYS G 72 -33.01 -27.24 5.63
C LYS G 72 -32.57 -26.18 4.59
N GLY G 73 -33.22 -25.01 4.62
CA GLY G 73 -32.87 -23.88 3.74
C GLY G 73 -33.71 -23.84 2.47
N ASN G 74 -35.01 -24.07 2.62
CA ASN G 74 -35.96 -24.06 1.50
C ASN G 74 -37.04 -23.03 1.75
N PRO G 75 -37.40 -22.23 0.72
CA PRO G 75 -38.41 -21.17 0.93
C PRO G 75 -39.77 -21.71 1.43
N LYS G 76 -40.54 -20.84 2.09
CA LYS G 76 -41.83 -21.19 2.71
C LYS G 76 -41.61 -22.04 3.97
N GLY H 3 -10.68 27.25 -33.07
CA GLY H 3 -9.27 27.34 -32.55
C GLY H 3 -8.65 28.72 -32.79
N PRO H 4 -7.34 28.85 -32.53
CA PRO H 4 -6.57 30.05 -32.90
C PRO H 4 -6.49 30.30 -34.41
N SER H 5 -6.62 31.55 -34.83
CA SER H 5 -6.22 31.98 -36.17
C SER H 5 -4.71 32.23 -36.09
N ASN H 6 -3.96 31.78 -37.10
CA ASN H 6 -2.50 31.97 -37.15
C ASN H 6 -1.82 31.38 -35.91
N GLY H 7 -1.97 30.07 -35.73
CA GLY H 7 -1.40 29.36 -34.57
C GLY H 7 0.12 29.32 -34.56
N GLN H 8 0.70 29.08 -35.72
CA GLN H 8 2.14 28.92 -35.82
C GLN H 8 2.86 30.21 -35.46
N SER H 9 2.49 31.32 -36.09
CA SER H 9 3.17 32.59 -35.84
C SER H 9 2.95 33.10 -34.41
N VAL H 10 1.74 32.93 -33.90
CA VAL H 10 1.43 33.40 -32.55
C VAL H 10 2.23 32.59 -31.51
N LEU H 11 2.35 31.28 -31.73
CA LEU H 11 3.22 30.42 -30.93
C LEU H 11 4.69 30.90 -30.95
N GLU H 12 5.21 31.22 -32.13
CA GLU H 12 6.60 31.70 -32.23
C GLU H 12 6.79 33.06 -31.54
N ASN H 13 5.74 33.87 -31.52
CA ASN H 13 5.79 35.16 -30.84
C ASN H 13 5.45 35.04 -29.35
N SER H 14 5.28 33.81 -28.82
CA SER H 14 4.72 33.60 -27.47
C SER H 14 5.77 33.67 -26.37
N VAL H 15 5.30 33.91 -25.15
CA VAL H 15 6.14 34.06 -23.95
C VAL H 15 5.75 33.00 -22.95
N GLN H 16 6.74 32.43 -22.27
CA GLN H 16 6.51 31.46 -21.20
C GLN H 16 5.99 32.22 -19.98
N VAL H 17 4.88 31.74 -19.40
CA VAL H 17 4.24 32.39 -18.24
C VAL H 17 5.17 32.34 -17.04
N LYS H 18 5.59 31.14 -16.67
CA LYS H 18 6.45 30.92 -15.50
C LYS H 18 7.47 29.81 -15.72
N GLU H 19 8.54 29.85 -14.93
CA GLU H 19 9.74 29.00 -15.12
C GLU H 19 9.45 27.52 -15.01
N THR H 20 8.52 27.22 -14.10
CA THR H 20 8.23 25.87 -13.67
C THR H 20 7.22 25.15 -14.55
N SER H 21 6.73 25.80 -15.60
CA SER H 21 5.74 25.24 -16.52
C SER H 21 6.07 25.61 -17.97
N PRO H 22 5.95 24.66 -18.92
CA PRO H 22 6.09 25.03 -20.33
C PRO H 22 4.95 25.87 -20.89
N ARG H 23 3.88 26.08 -20.13
CA ARG H 23 2.73 26.79 -20.64
C ARG H 23 3.09 28.21 -21.09
N ARG H 24 2.58 28.61 -22.25
CA ARG H 24 2.94 29.90 -22.86
C ARG H 24 1.69 30.70 -23.11
N VAL H 25 1.90 31.98 -23.41
CA VAL H 25 0.80 32.90 -23.66
C VAL H 25 1.21 33.97 -24.69
N SER H 26 0.23 34.51 -25.43
CA SER H 26 0.52 35.49 -26.48
C SER H 26 -0.73 36.25 -26.92
N VAL H 27 -0.53 37.36 -27.65
CA VAL H 27 -1.63 38.05 -28.35
C VAL H 27 -1.42 37.88 -29.85
N ASP H 28 -2.52 37.68 -30.59
CA ASP H 28 -2.51 37.64 -32.06
C ASP H 28 -2.56 39.09 -32.53
N PRO H 29 -1.55 39.54 -33.34
CA PRO H 29 -1.60 40.91 -33.87
C PRO H 29 -2.76 41.18 -34.84
N GLN H 30 -3.10 40.21 -35.69
CA GLN H 30 -4.20 40.38 -36.65
C GLN H 30 -5.55 40.50 -35.92
N THR H 31 -5.92 39.48 -35.13
CA THR H 31 -7.27 39.40 -34.52
C THR H 31 -7.44 40.01 -33.11
N GLY H 32 -6.34 40.30 -32.42
CA GLY H 32 -6.40 40.80 -31.03
C GLY H 32 -6.86 39.78 -29.99
N GLU H 33 -6.89 38.50 -30.36
CA GLU H 33 -7.34 37.43 -29.48
C GLU H 33 -6.14 37.01 -28.60
N PHE H 34 -6.42 36.48 -27.42
CA PHE H 34 -5.37 36.00 -26.53
C PHE H 34 -5.32 34.48 -26.61
N VAL H 35 -4.11 33.92 -26.65
CA VAL H 35 -3.92 32.49 -26.85
C VAL H 35 -3.03 31.91 -25.77
N VAL H 36 -3.39 30.71 -25.32
CA VAL H 36 -2.65 29.94 -24.31
C VAL H 36 -2.20 28.64 -24.97
N PHE H 37 -0.92 28.30 -24.80
CA PHE H 37 -0.35 27.14 -25.45
C PHE H 37 0.18 26.17 -24.40
N ASP H 38 -0.01 24.89 -24.66
CA ASP H 38 0.50 23.83 -23.82
C ASP H 38 1.28 22.83 -24.65
N ARG H 39 2.28 22.23 -24.03
CA ARG H 39 3.05 21.17 -24.65
C ARG H 39 2.14 20.01 -25.01
N THR H 40 2.29 19.52 -26.24
CA THR H 40 1.71 18.27 -26.68
C THR H 40 2.80 17.21 -26.42
N LEU H 41 3.81 17.19 -27.30
CA LEU H 41 5.00 16.32 -27.18
C LEU H 41 6.18 17.02 -27.86
N GLY H 42 7.37 16.84 -27.29
CA GLY H 42 8.60 17.44 -27.81
C GLY H 42 8.51 18.95 -27.89
N ASP H 43 8.65 19.48 -29.11
CA ASP H 43 8.49 20.91 -29.38
C ASP H 43 7.11 21.26 -29.98
N VAL H 44 6.23 20.27 -30.11
CA VAL H 44 4.85 20.51 -30.57
C VAL H 44 3.96 21.02 -29.42
N TYR H 45 3.14 22.01 -29.72
CA TYR H 45 2.17 22.60 -28.82
C TYR H 45 0.79 22.70 -29.48
N HIS H 46 -0.26 22.68 -28.65
CA HIS H 46 -1.62 23.03 -29.06
C HIS H 46 -1.99 24.29 -28.32
N GLY H 47 -3.07 24.93 -28.74
CA GLY H 47 -3.51 26.14 -28.05
C GLY H 47 -4.99 26.36 -28.06
N HIS H 48 -5.41 27.40 -27.38
CA HIS H 48 -6.80 27.83 -27.37
C HIS H 48 -6.94 29.31 -27.02
N VAL H 49 -8.06 29.88 -27.41
CA VAL H 49 -8.35 31.30 -27.23
C VAL H 49 -9.04 31.53 -25.88
N ARG H 50 -8.65 32.60 -25.18
CA ARG H 50 -9.33 33.05 -23.97
C ARG H 50 -9.63 34.52 -24.02
N ALA H 51 -10.71 34.91 -23.36
CA ALA H 51 -10.95 36.31 -23.04
C ALA H 51 -9.95 36.74 -21.97
N TRP H 52 -9.58 38.01 -22.01
CA TRP H 52 -8.69 38.62 -21.01
C TRP H 52 -9.01 38.20 -19.56
N LYS H 53 -10.27 38.35 -19.16
CA LYS H 53 -10.69 38.07 -17.78
C LYS H 53 -10.54 36.58 -17.36
N ASP H 54 -10.50 35.67 -18.34
CA ASP H 54 -10.24 34.23 -18.10
C ASP H 54 -8.76 33.84 -18.12
N LEU H 55 -7.87 34.81 -18.29
CA LEU H 55 -6.44 34.58 -18.08
C LEU H 55 -6.18 34.73 -16.60
N THR H 56 -5.24 33.94 -16.10
CA THR H 56 -4.78 34.10 -14.74
C THR H 56 -4.05 35.42 -14.66
N SER H 57 -3.90 35.92 -13.44
CA SER H 57 -3.05 37.08 -13.18
C SER H 57 -1.63 36.91 -13.69
N ASP H 58 -1.05 35.72 -13.51
CA ASP H 58 0.32 35.48 -13.98
C ASP H 58 0.42 35.51 -15.50
N GLN H 60 -1.61 37.26 -17.47
CA GLN H 60 -1.75 38.69 -17.78
C GLN H 60 -0.47 39.47 -17.56
N ASN H 61 0.28 39.12 -16.50
CA ASN H 61 1.51 39.82 -16.14
C ASN H 61 2.60 39.55 -17.15
N ALA H 62 2.75 38.28 -17.52
CA ALA H 62 3.65 37.85 -18.61
C ALA H 62 3.45 38.66 -19.89
N LEU H 63 2.20 38.98 -20.21
CA LEU H 63 1.87 39.82 -21.36
C LEU H 63 2.28 41.30 -21.21
N VAL H 64 2.10 41.89 -20.02
CA VAL H 64 2.49 43.30 -19.81
C VAL H 64 4.01 43.43 -19.78
N ARG H 65 4.68 42.57 -19.01
CA ARG H 65 6.16 42.53 -18.94
C ARG H 65 6.82 42.19 -20.31
N GLY H 66 6.11 41.45 -21.15
CA GLY H 66 6.57 41.19 -22.52
C GLY H 66 6.34 42.34 -23.51
N GLY H 67 5.55 43.33 -23.11
CA GLY H 67 5.25 44.48 -23.96
C GLY H 67 4.24 44.17 -25.06
N TYR H 68 3.28 43.29 -24.74
CA TYR H 68 2.27 42.86 -25.70
C TYR H 68 0.95 43.65 -25.62
N VAL H 69 0.57 44.12 -24.42
CA VAL H 69 -0.82 44.62 -24.19
C VAL H 69 -0.96 46.01 -23.57
N ASP H 70 -2.20 46.50 -23.66
CA ASP H 70 -2.60 47.84 -23.27
C ASP H 70 -2.92 47.98 -21.75
N ARG H 71 -2.70 46.92 -20.96
CA ARG H 71 -2.86 46.88 -19.48
C ARG H 71 -4.27 46.52 -18.94
N LYS H 72 -5.27 46.41 -19.82
CA LYS H 72 -6.67 46.16 -19.42
C LYS H 72 -7.45 45.30 -20.45
#